data_6G7A
#
_entry.id   6G7A
#
_cell.length_a   77.296
_cell.length_b   73.925
_cell.length_c   91.217
_cell.angle_alpha   90.000
_cell.angle_beta   108.920
_cell.angle_gamma   90.000
#
_symmetry.space_group_name_H-M   'P 1 21 1'
#
loop_
_entity.id
_entity.type
_entity.pdbx_description
1 polymer 'Carbonic anhydrase 12'
2 non-polymer 'ZINC ION'
3 non-polymer 1,2-ETHANEDIOL
4 non-polymer 4-chloranyl-~{N}-(2-hydroxyethyl)-2-[(phenylmethyl)amino]-5-sulfamoyl-benzamide
5 water water
#
_entity_poly.entity_id   1
_entity_poly.type   'polypeptide(L)'
_entity_poly.pdbx_seq_one_letter_code
;MSKWTYFGPDGENSWSKKYPSCGGLLQSPIDLHSDILQYDASLTPLEFQGYNLSANKQFLLTNNGHSVKLNLPSDMHIQG
LQSRYSATQLHLHWGNPNDPHGSEHTVSGQHFAAELHIVHYNSDLYPDASTASNKSEGLAVLAVLIEMGSFNPSYDKIFS
HLQHVKYKGQEAFVPGFNIEELLPERTAEYYRYRGSLTTPPCNPTVLWTVFRNPVQISQEQLLALETALYCTHMDDPSPR
EMINNFRQVQKFDERLVYTSFSQ
;
_entity_poly.pdbx_strand_id   A,B,C,D
#
# COMPACT_ATOMS: atom_id res chain seq x y z
N SER A 2 3.68 33.65 -0.14
N SER A 2 4.79 34.00 -4.96
CA SER A 2 2.45 33.84 0.68
CA SER A 2 4.55 32.90 -3.96
C SER A 2 1.37 34.42 -0.21
C SER A 2 3.15 32.98 -3.41
N LYS A 3 1.66 34.47 -1.51
N LYS A 3 2.40 33.99 -3.80
CA LYS A 3 0.70 34.76 -2.62
CA LYS A 3 1.10 34.19 -3.17
C LYS A 3 -0.57 33.87 -2.69
C LYS A 3 0.22 32.95 -3.26
N TRP A 4 -0.45 32.66 -2.16
CA TRP A 4 -1.51 31.65 -2.14
C TRP A 4 -2.57 32.15 -1.17
N THR A 5 -3.80 31.73 -1.41
CA THR A 5 -4.98 32.13 -0.59
C THR A 5 -5.91 30.95 -0.44
N TYR A 6 -7.09 31.12 0.17
CA TYR A 6 -8.08 30.04 0.28
C TYR A 6 -9.36 30.42 -0.57
N PHE A 7 -9.21 31.50 -1.37
CA PHE A 7 -10.36 31.99 -2.17
C PHE A 7 -9.86 32.73 -3.39
N GLY A 8 -10.50 32.48 -4.53
CA GLY A 8 -10.26 33.24 -5.82
C GLY A 8 -9.17 32.47 -6.60
N PRO A 9 -8.46 33.14 -7.48
CA PRO A 9 -7.58 32.43 -8.43
C PRO A 9 -6.38 31.75 -7.85
N ASP A 10 -6.00 32.17 -6.63
CA ASP A 10 -4.85 31.64 -6.02
C ASP A 10 -5.18 30.70 -4.85
N GLY A 11 -6.43 30.21 -4.90
CA GLY A 11 -6.99 29.26 -3.88
C GLY A 11 -6.46 27.87 -4.08
N GLU A 12 -6.96 26.95 -3.24
CA GLU A 12 -6.34 25.68 -3.07
C GLU A 12 -6.18 24.78 -4.33
N ASN A 13 -7.10 24.93 -5.29
CA ASN A 13 -6.94 24.12 -6.50
C ASN A 13 -5.77 24.57 -7.35
N SER A 14 -5.28 25.77 -7.12
CA SER A 14 -4.10 26.34 -7.84
C SER A 14 -2.79 26.24 -7.04
N TRP A 15 -2.82 25.78 -5.80
CA TRP A 15 -1.57 25.73 -5.05
C TRP A 15 -0.50 24.87 -5.74
N SER A 16 -0.89 23.82 -6.44
CA SER A 16 0.05 22.90 -6.99
C SER A 16 0.85 23.56 -8.14
N LYS A 17 0.39 24.66 -8.71
N LYS A 17 0.38 24.73 -8.62
CA LYS A 17 1.27 25.26 -9.74
CA LYS A 17 1.16 25.46 -9.67
C LYS A 17 2.66 25.64 -9.09
C LYS A 17 2.53 25.92 -9.20
N LYS A 18 2.59 26.48 -8.06
N LYS A 18 2.61 26.50 -8.01
CA LYS A 18 3.83 26.98 -7.46
CA LYS A 18 3.90 26.92 -7.40
C LYS A 18 4.37 26.10 -6.32
C LYS A 18 4.48 25.88 -6.44
N TYR A 19 3.58 25.11 -5.83
CA TYR A 19 3.92 24.19 -4.77
C TYR A 19 3.59 22.80 -5.20
N PRO A 20 4.48 22.12 -5.91
CA PRO A 20 4.06 20.93 -6.62
C PRO A 20 3.66 19.88 -5.61
N SER A 21 4.17 19.82 -4.35
CA SER A 21 3.71 18.77 -3.43
C SER A 21 2.21 18.85 -3.13
N CYS A 22 1.59 20.01 -3.35
CA CYS A 22 0.16 20.14 -3.13
C CYS A 22 -0.65 19.24 -4.04
N GLY A 23 -0.05 18.78 -5.15
CA GLY A 23 -0.66 17.76 -6.03
C GLY A 23 -0.07 16.45 -5.93
N GLY A 24 0.75 16.17 -4.95
CA GLY A 24 1.42 14.89 -4.71
C GLY A 24 0.77 13.95 -3.77
N LEU A 25 1.50 13.00 -3.27
CA LEU A 25 1.01 12.01 -2.37
C LEU A 25 0.84 12.53 -0.94
N LEU A 26 0.06 11.73 -0.22
CA LEU A 26 0.01 11.73 1.27
C LEU A 26 -0.63 13.11 1.69
N GLN A 27 -1.54 13.69 0.93
CA GLN A 27 -2.07 15.02 1.33
C GLN A 27 -3.11 14.96 2.43
N SER A 28 -3.02 15.97 3.28
CA SER A 28 -3.96 16.24 4.39
C SER A 28 -4.73 17.49 4.12
N PRO A 29 -5.90 17.72 4.74
CA PRO A 29 -6.51 16.87 5.73
C PRO A 29 -7.38 15.82 5.07
N ILE A 30 -7.97 14.97 5.92
CA ILE A 30 -8.78 13.84 5.45
C ILE A 30 -10.00 13.68 6.39
N ASP A 31 -10.98 12.96 5.89
CA ASP A 31 -12.10 12.55 6.68
C ASP A 31 -11.74 11.32 7.43
N LEU A 32 -11.97 11.41 8.72
CA LEU A 32 -11.77 10.29 9.65
C LEU A 32 -13.08 9.54 9.87
N HIS A 33 -13.18 8.35 9.32
CA HIS A 33 -14.48 7.67 9.41
C HIS A 33 -14.25 6.21 9.62
N SER A 34 -15.27 5.50 10.08
CA SER A 34 -15.07 4.20 10.73
C SER A 34 -14.46 3.15 9.83
N ASP A 35 -14.80 3.18 8.54
CA ASP A 35 -14.33 2.23 7.50
C ASP A 35 -12.82 2.08 7.51
N ILE A 36 -12.15 3.21 7.77
CA ILE A 36 -10.73 3.32 7.51
C ILE A 36 -10.00 3.42 8.82
N LEU A 37 -10.72 3.24 9.90
CA LEU A 37 -10.04 3.25 11.21
C LEU A 37 -9.55 1.89 11.65
N GLN A 38 -8.38 1.80 12.24
CA GLN A 38 -7.92 0.51 12.79
C GLN A 38 -7.21 0.71 14.12
N TYR A 39 -7.65 0.04 15.18
CA TYR A 39 -7.05 0.08 16.45
C TYR A 39 -5.63 -0.43 16.31
N ASP A 40 -4.74 0.28 16.94
CA ASP A 40 -3.36 -0.11 17.04
C ASP A 40 -2.91 0.07 18.47
N ALA A 41 -2.78 -1.06 19.21
CA ALA A 41 -2.27 -0.99 20.61
C ALA A 41 -0.83 -0.43 20.76
N SER A 42 -0.10 -0.29 19.68
CA SER A 42 1.20 0.37 19.70
C SER A 42 1.08 1.86 20.04
N LEU A 43 -0.12 2.39 19.87
CA LEU A 43 -0.31 3.86 20.08
C LEU A 43 -0.53 4.31 21.52
N THR A 44 0.56 4.42 22.28
CA THR A 44 0.50 4.74 23.66
C THR A 44 0.38 6.26 23.92
N PRO A 45 0.03 6.72 25.12
CA PRO A 45 -0.06 8.17 25.39
C PRO A 45 1.16 8.96 25.16
N LEU A 46 1.03 10.11 24.52
CA LEU A 46 2.13 11.01 24.36
C LEU A 46 2.31 11.78 25.68
N GLU A 47 3.52 12.27 25.87
CA GLU A 47 3.74 13.15 26.99
C GLU A 47 4.15 14.52 26.53
N PHE A 48 3.61 15.56 27.15
CA PHE A 48 3.82 16.93 26.68
C PHE A 48 4.75 17.56 27.64
N GLN A 49 5.94 17.81 27.22
CA GLN A 49 6.99 18.25 28.16
C GLN A 49 7.41 19.64 27.83
N GLY A 50 7.57 20.47 28.90
CA GLY A 50 7.90 21.85 28.67
C GLY A 50 6.73 22.73 28.07
N TYR A 51 5.50 22.21 28.21
CA TYR A 51 4.29 22.92 27.74
C TYR A 51 3.89 23.98 28.76
N ASN A 52 4.37 23.89 30.00
CA ASN A 52 3.93 24.94 30.98
C ASN A 52 4.87 26.12 30.85
N LEU A 53 4.62 26.97 29.90
CA LEU A 53 5.54 28.03 29.51
C LEU A 53 5.68 29.06 30.63
N SER A 54 6.93 29.46 30.84
CA SER A 54 7.21 30.44 31.89
C SER A 54 6.29 31.68 31.73
N ALA A 55 5.54 32.01 32.77
CA ALA A 55 4.79 33.25 32.76
C ALA A 55 5.70 34.48 32.78
N ASN A 56 7.00 34.28 32.93
CA ASN A 56 7.99 35.41 32.94
C ASN A 56 8.65 35.55 31.57
N LYS A 57 8.18 34.77 30.58
CA LYS A 57 8.70 34.84 29.24
C LYS A 57 7.51 35.23 28.36
N GLN A 58 7.86 35.86 27.27
CA GLN A 58 6.85 36.29 26.21
C GLN A 58 7.01 35.58 24.91
N PHE A 59 5.85 35.25 24.30
CA PHE A 59 5.84 34.50 23.04
C PHE A 59 5.18 35.29 21.93
N LEU A 60 5.82 35.33 20.78
CA LEU A 60 5.38 36.23 19.70
C LEU A 60 4.14 35.67 18.97
N LEU A 61 3.07 36.42 18.90
CA LEU A 61 1.83 36.15 18.17
C LEU A 61 1.88 36.99 16.92
N THR A 62 1.74 36.38 15.75
N THR A 62 1.62 36.38 15.77
CA THR A 62 1.73 37.06 14.50
CA THR A 62 1.64 37.09 14.54
C THR A 62 0.41 36.80 13.70
C THR A 62 0.56 36.74 13.57
N ASN A 63 0.11 37.72 12.80
CA ASN A 63 -0.79 37.45 11.68
C ASN A 63 0.04 37.34 10.45
N ASN A 64 0.09 36.15 9.86
CA ASN A 64 0.98 35.97 8.71
C ASN A 64 0.23 36.06 7.37
N GLY A 65 -1.00 36.52 7.40
CA GLY A 65 -1.79 36.68 6.22
C GLY A 65 -2.54 35.40 5.88
N HIS A 66 -2.31 34.29 6.62
CA HIS A 66 -3.02 32.99 6.41
C HIS A 66 -3.68 32.45 7.64
N SER A 67 -3.15 32.77 8.84
CA SER A 67 -3.68 32.34 10.09
C SER A 67 -3.11 33.30 11.16
N VAL A 68 -3.44 33.04 12.39
CA VAL A 68 -2.76 33.61 13.55
C VAL A 68 -1.89 32.52 14.14
N LYS A 69 -0.64 32.88 14.33
CA LYS A 69 0.38 31.93 14.78
C LYS A 69 0.97 32.43 16.09
N LEU A 70 1.26 31.51 16.97
CA LEU A 70 1.99 31.77 18.21
C LEU A 70 3.32 31.02 18.16
N ASN A 71 4.45 31.72 18.19
CA ASN A 71 5.78 31.05 18.24
C ASN A 71 5.94 30.35 19.54
N LEU A 72 6.52 29.15 19.48
CA LEU A 72 6.69 28.34 20.69
C LEU A 72 8.23 28.07 20.86
N PRO A 73 8.68 27.76 22.08
CA PRO A 73 10.14 27.56 22.27
C PRO A 73 10.58 26.14 22.06
N SER A 74 11.84 25.99 21.66
CA SER A 74 12.25 24.60 21.33
C SER A 74 12.47 23.71 22.55
N ASP A 75 12.40 24.25 23.79
CA ASP A 75 12.39 23.31 24.94
C ASP A 75 11.03 22.59 25.17
N MET A 76 9.97 23.02 24.45
CA MET A 76 8.70 22.37 24.51
C MET A 76 8.73 21.20 23.51
N HIS A 77 8.40 20.05 23.96
CA HIS A 77 8.45 18.88 23.05
C HIS A 77 7.50 17.79 23.40
N ILE A 78 7.30 16.91 22.42
CA ILE A 78 6.55 15.66 22.60
C ILE A 78 7.48 14.59 22.93
N GLN A 79 7.18 13.82 23.97
CA GLN A 79 7.90 12.62 24.20
C GLN A 79 6.94 11.45 23.95
N GLY A 80 7.48 10.35 23.46
CA GLY A 80 6.63 9.16 23.14
C GLY A 80 6.78 8.64 21.72
N LEU A 81 7.21 9.50 20.81
CA LEU A 81 7.49 9.14 19.42
C LEU A 81 8.94 8.58 19.36
N GLN A 82 9.33 8.10 18.20
CA GLN A 82 10.69 7.48 18.16
C GLN A 82 11.80 8.52 18.36
N SER A 83 11.56 9.71 17.79
CA SER A 83 12.48 10.85 17.97
C SER A 83 11.72 11.84 18.85
N ARG A 84 12.50 12.76 19.40
CA ARG A 84 11.91 13.88 20.13
C ARG A 84 11.49 14.87 19.01
N TYR A 85 10.22 15.40 19.22
CA TYR A 85 9.68 16.43 18.27
C TYR A 85 9.52 17.71 19.13
N SER A 86 10.22 18.76 18.76
CA SER A 86 10.22 20.03 19.51
C SER A 86 9.23 20.99 18.89
N ALA A 87 8.53 21.80 19.71
CA ALA A 87 7.55 22.73 19.15
C ALA A 87 8.19 23.84 18.41
N THR A 88 7.49 24.35 17.41
CA THR A 88 7.88 25.60 16.75
C THR A 88 6.79 26.63 16.77
N GLN A 89 5.51 26.28 16.63
CA GLN A 89 4.44 27.25 16.55
C GLN A 89 3.11 26.54 16.64
N LEU A 90 2.12 27.30 17.05
CA LEU A 90 0.70 26.89 16.92
C LEU A 90 -0.07 27.85 16.17
N HIS A 91 -1.18 27.37 15.56
CA HIS A 91 -2.07 28.24 14.80
C HIS A 91 -3.42 27.58 14.64
N LEU A 92 -4.36 28.33 14.05
CA LEU A 92 -5.70 27.80 13.94
C LEU A 92 -6.29 27.92 12.52
N HIS A 93 -7.38 27.18 12.30
CA HIS A 93 -8.15 27.23 11.03
C HIS A 93 -9.60 27.31 11.40
N TRP A 94 -10.35 28.08 10.67
CA TRP A 94 -11.76 28.29 11.01
C TRP A 94 -12.58 28.64 9.77
N GLY A 95 -13.88 28.75 9.98
CA GLY A 95 -14.83 29.02 8.88
C GLY A 95 -15.21 30.50 8.84
N ASN A 96 -16.53 30.73 8.97
CA ASN A 96 -17.01 32.16 8.96
C ASN A 96 -18.40 32.14 9.65
N PRO A 97 -18.90 33.33 10.03
CA PRO A 97 -20.11 33.29 10.83
C PRO A 97 -21.34 32.77 10.13
N ASN A 98 -21.42 32.84 8.82
CA ASN A 98 -22.56 32.20 8.14
C ASN A 98 -22.45 30.71 7.95
N ASP A 99 -21.24 30.15 8.14
CA ASP A 99 -21.04 28.72 7.99
C ASP A 99 -19.86 28.33 8.94
N PRO A 100 -20.14 28.25 10.25
CA PRO A 100 -19.10 28.23 11.26
C PRO A 100 -18.57 26.87 11.53
N HIS A 101 -18.07 26.29 10.44
CA HIS A 101 -17.66 24.83 10.44
C HIS A 101 -16.41 24.68 9.63
N GLY A 102 -15.30 25.19 10.18
CA GLY A 102 -14.09 25.33 9.44
C GLY A 102 -12.90 24.53 9.98
N SER A 103 -13.13 23.42 10.66
CA SER A 103 -11.98 22.51 10.90
C SER A 103 -11.45 22.00 9.57
N GLU A 104 -10.24 21.48 9.64
CA GLU A 104 -9.61 20.86 8.43
C GLU A 104 -9.98 19.39 8.37
N HIS A 105 -9.61 18.64 9.40
CA HIS A 105 -10.09 17.25 9.50
C HIS A 105 -11.60 17.24 9.72
N THR A 106 -12.20 16.20 9.20
CA THR A 106 -13.62 15.90 9.47
C THR A 106 -13.73 14.58 10.11
N VAL A 107 -14.87 14.39 10.83
CA VAL A 107 -15.15 13.08 11.50
C VAL A 107 -16.50 12.56 10.97
N SER A 108 -16.48 11.43 10.30
CA SER A 108 -17.73 10.89 9.68
C SER A 108 -18.37 11.94 8.83
N GLY A 109 -17.55 12.66 8.07
CA GLY A 109 -17.98 13.65 7.10
C GLY A 109 -18.29 15.04 7.70
N GLN A 110 -18.29 15.17 9.02
CA GLN A 110 -18.59 16.42 9.71
C GLN A 110 -17.42 17.32 10.10
N HIS A 111 -17.53 18.59 9.77
CA HIS A 111 -16.60 19.54 10.20
C HIS A 111 -16.89 19.96 11.61
N PHE A 112 -15.88 20.19 12.39
CA PHE A 112 -15.98 20.96 13.64
C PHE A 112 -15.89 22.40 13.36
N ALA A 113 -16.10 23.23 14.37
CA ALA A 113 -16.15 24.67 14.16
C ALA A 113 -14.79 25.22 13.76
N ALA A 114 -13.70 24.68 14.35
CA ALA A 114 -12.36 25.21 14.08
C ALA A 114 -11.37 24.08 14.47
N GLU A 115 -10.10 24.37 14.22
CA GLU A 115 -9.08 23.33 14.53
C GLU A 115 -7.80 24.07 14.90
N LEU A 116 -7.13 23.62 15.98
CA LEU A 116 -5.81 24.13 16.44
C LEU A 116 -4.76 23.09 16.03
N HIS A 117 -3.65 23.61 15.48
CA HIS A 117 -2.47 22.77 15.14
C HIS A 117 -1.30 23.21 15.95
N ILE A 118 -0.68 22.29 16.68
CA ILE A 118 0.56 22.62 17.40
C ILE A 118 1.65 21.88 16.63
N VAL A 119 2.49 22.67 15.94
CA VAL A 119 3.47 22.12 14.96
C VAL A 119 4.75 21.81 15.69
N HIS A 120 5.31 20.65 15.46
CA HIS A 120 6.64 20.30 16.05
C HIS A 120 7.52 19.75 14.92
N TYR A 121 8.84 19.77 15.17
CA TYR A 121 9.77 19.21 14.18
C TYR A 121 10.70 18.23 14.86
N ASN A 122 11.32 17.35 14.07
CA ASN A 122 12.20 16.28 14.64
C ASN A 122 13.55 16.95 14.92
N SER A 123 13.74 17.31 16.20
CA SER A 123 14.95 18.02 16.59
C SER A 123 16.09 17.03 16.83
N ASP A 124 15.82 15.74 16.88
CA ASP A 124 16.94 14.76 17.03
C ASP A 124 17.64 14.67 15.70
N LEU A 125 16.94 14.86 14.61
CA LEU A 125 17.53 14.70 13.25
C LEU A 125 17.84 15.98 12.58
N TYR A 126 17.14 17.08 12.90
CA TYR A 126 17.24 18.34 12.16
C TYR A 126 17.36 19.54 13.07
N PRO A 127 18.02 20.62 12.60
CA PRO A 127 18.29 21.75 13.49
C PRO A 127 17.23 22.77 13.72
N ASP A 128 16.25 22.79 12.81
CA ASP A 128 15.13 23.71 12.91
C ASP A 128 13.97 23.23 12.07
N ALA A 129 12.83 23.82 12.31
CA ALA A 129 11.62 23.41 11.62
C ALA A 129 11.75 23.62 10.12
N SER A 130 12.34 24.74 9.71
CA SER A 130 12.50 25.05 8.28
C SER A 130 13.23 23.87 7.59
N THR A 131 14.35 23.49 8.16
CA THR A 131 15.12 22.45 7.55
C THR A 131 14.35 21.14 7.62
N ALA A 132 13.68 20.82 8.74
CA ALA A 132 12.96 19.58 8.84
C ALA A 132 11.74 19.51 7.91
N SER A 133 11.17 20.64 7.54
CA SER A 133 9.80 20.64 6.92
C SER A 133 9.70 19.84 5.64
N ASN A 134 10.78 19.65 4.85
CA ASN A 134 10.80 18.88 3.61
C ASN A 134 11.62 17.64 3.74
N LYS A 135 11.81 17.16 4.94
CA LYS A 135 12.60 15.99 5.16
C LYS A 135 11.90 14.87 5.76
N SER A 136 12.45 13.69 5.57
CA SER A 136 11.84 12.45 6.09
C SER A 136 11.64 12.56 7.60
N GLU A 137 10.49 12.11 8.10
CA GLU A 137 10.23 12.19 9.56
C GLU A 137 10.30 13.63 10.10
N GLY A 138 10.16 14.58 9.24
CA GLY A 138 10.42 15.93 9.70
C GLY A 138 9.52 16.64 10.67
N LEU A 139 8.18 16.37 10.54
CA LEU A 139 7.23 17.16 11.34
C LEU A 139 6.23 16.25 12.05
N ALA A 140 5.68 16.79 13.14
CA ALA A 140 4.60 16.10 13.87
C ALA A 140 3.68 17.22 14.29
N VAL A 141 2.39 17.05 14.05
CA VAL A 141 1.39 18.05 14.43
C VAL A 141 0.39 17.44 15.37
N LEU A 142 0.06 18.17 16.44
CA LEU A 142 -1.06 17.78 17.29
C LEU A 142 -2.27 18.64 16.85
N ALA A 143 -3.39 17.95 16.57
CA ALA A 143 -4.57 18.70 16.10
C ALA A 143 -5.69 18.52 17.14
N VAL A 144 -6.24 19.70 17.51
CA VAL A 144 -7.39 19.68 18.43
C VAL A 144 -8.62 20.22 17.67
N LEU A 145 -9.66 19.38 17.70
CA LEU A 145 -10.94 19.82 17.11
C LEU A 145 -11.66 20.74 18.08
N ILE A 146 -12.27 21.81 17.57
CA ILE A 146 -12.93 22.81 18.43
C ILE A 146 -14.38 22.93 18.09
N GLU A 147 -15.23 22.90 19.10
CA GLU A 147 -16.70 23.04 18.87
C GLU A 147 -17.17 24.13 19.81
N MET A 148 -18.36 24.59 19.55
CA MET A 148 -18.93 25.65 20.33
C MET A 148 -19.59 25.19 21.55
N GLY A 149 -19.32 25.78 22.73
CA GLY A 149 -19.94 25.37 23.97
C GLY A 149 -19.62 26.37 25.06
N SER A 150 -19.11 25.89 26.18
CA SER A 150 -18.77 26.77 27.25
C SER A 150 -17.55 27.64 26.94
N PHE A 151 -17.48 28.83 27.52
CA PHE A 151 -16.31 29.71 27.49
C PHE A 151 -15.07 28.98 27.96
N ASN A 152 -13.97 29.22 27.25
CA ASN A 152 -12.74 28.53 27.55
C ASN A 152 -11.65 29.53 27.92
N PRO A 153 -11.37 29.67 29.25
CA PRO A 153 -10.39 30.63 29.66
C PRO A 153 -9.00 30.48 29.05
N SER A 154 -8.68 29.21 28.79
CA SER A 154 -7.31 28.97 28.30
C SER A 154 -7.17 29.43 26.87
N TYR A 155 -8.20 29.12 26.03
CA TYR A 155 -8.10 29.71 24.66
C TYR A 155 -8.16 31.16 24.68
N ASP A 156 -8.86 31.75 25.70
CA ASP A 156 -8.80 33.18 25.73
C ASP A 156 -7.44 33.80 26.03
N LYS A 157 -6.50 33.03 26.59
CA LYS A 157 -5.14 33.52 26.73
C LYS A 157 -4.52 33.85 25.38
N ILE A 158 -5.00 33.22 24.31
CA ILE A 158 -4.60 33.60 22.96
C ILE A 158 -5.62 34.61 22.38
N PHE A 159 -6.91 34.27 22.43
CA PHE A 159 -7.91 35.13 21.80
C PHE A 159 -7.96 36.58 22.26
N SER A 160 -7.58 36.79 23.52
CA SER A 160 -7.55 38.22 24.02
C SER A 160 -6.58 39.13 23.35
N HIS A 161 -5.64 38.57 22.64
CA HIS A 161 -4.71 39.32 21.90
C HIS A 161 -5.05 39.50 20.42
N LEU A 162 -6.15 38.92 19.92
CA LEU A 162 -6.42 38.95 18.48
C LEU A 162 -6.52 40.37 17.95
N GLN A 163 -7.06 41.29 18.75
CA GLN A 163 -7.23 42.62 18.16
C GLN A 163 -5.93 43.30 17.82
N HIS A 164 -4.84 42.91 18.51
CA HIS A 164 -3.54 43.50 18.20
C HIS A 164 -2.84 42.89 17.05
N VAL A 165 -3.41 41.79 16.49
CA VAL A 165 -2.83 41.24 15.25
C VAL A 165 -3.86 41.15 14.16
N LYS A 166 -4.71 42.17 14.10
CA LYS A 166 -5.73 42.28 13.06
C LYS A 166 -5.26 42.14 11.60
N TYR A 167 -4.11 42.77 11.27
CA TYR A 167 -3.71 42.79 9.87
C TYR A 167 -2.40 42.05 9.66
N LYS A 168 -2.19 41.64 8.41
CA LYS A 168 -0.97 40.92 8.06
C LYS A 168 0.30 41.68 8.50
N GLY A 169 1.33 41.02 9.05
CA GLY A 169 2.54 41.71 9.49
C GLY A 169 2.51 42.20 10.93
N GLN A 170 1.33 42.26 11.51
CA GLN A 170 1.27 42.74 12.88
C GLN A 170 1.61 41.68 13.90
N GLU A 171 2.08 42.07 15.09
N GLU A 171 2.01 42.08 15.10
CA GLU A 171 2.61 41.15 16.09
CA GLU A 171 2.46 41.15 16.12
C GLU A 171 2.29 41.61 17.49
C GLU A 171 2.03 41.59 17.49
N ALA A 172 2.16 40.67 18.42
CA ALA A 172 1.83 40.90 19.79
C ALA A 172 2.56 39.92 20.63
N PHE A 173 2.73 40.23 21.91
CA PHE A 173 3.41 39.36 22.86
C PHE A 173 2.44 38.73 23.80
N VAL A 174 2.50 37.39 23.96
CA VAL A 174 1.69 36.64 24.81
C VAL A 174 2.50 36.08 25.95
N PRO A 175 2.13 36.40 27.20
CA PRO A 175 2.86 35.81 28.33
C PRO A 175 2.68 34.30 28.38
N GLY A 176 3.72 33.63 28.79
CA GLY A 176 3.65 32.19 28.87
C GLY A 176 2.48 31.70 29.66
N PHE A 177 1.85 30.59 29.21
CA PHE A 177 0.88 29.85 29.93
C PHE A 177 0.98 28.37 29.59
N ASN A 178 0.24 27.55 30.29
CA ASN A 178 0.38 26.10 30.08
C ASN A 178 -0.41 25.72 28.79
N ILE A 179 0.37 25.47 27.73
CA ILE A 179 -0.23 25.10 26.44
C ILE A 179 -1.00 23.80 26.60
N GLU A 180 -0.73 22.89 27.55
CA GLU A 180 -1.48 21.69 27.65
C GLU A 180 -2.98 21.99 27.97
N GLU A 181 -3.24 23.21 28.49
CA GLU A 181 -4.65 23.60 28.82
C GLU A 181 -5.45 23.67 27.48
N LEU A 182 -4.77 23.81 26.31
CA LEU A 182 -5.51 23.86 25.04
C LEU A 182 -5.89 22.50 24.56
N LEU A 183 -5.35 21.43 25.15
CA LEU A 183 -5.67 20.03 24.74
C LEU A 183 -6.98 19.54 25.31
N PRO A 184 -7.68 18.62 24.69
CA PRO A 184 -8.90 18.09 25.16
C PRO A 184 -8.70 17.04 26.19
N GLU A 185 -9.88 16.62 26.68
CA GLU A 185 -9.95 15.46 27.61
C GLU A 185 -9.46 14.19 27.00
N ARG A 186 -8.82 13.34 27.83
CA ARG A 186 -8.44 12.01 27.41
C ARG A 186 -7.59 12.10 26.11
N THR A 187 -6.52 12.81 26.30
CA THR A 187 -5.52 12.85 25.21
C THR A 187 -4.87 11.54 24.86
N ALA A 188 -5.06 10.50 25.71
CA ALA A 188 -4.70 9.17 25.25
C ALA A 188 -5.47 8.64 24.03
N GLU A 189 -6.64 9.26 23.75
CA GLU A 189 -7.54 8.81 22.67
C GLU A 189 -7.22 9.71 21.45
N TYR A 190 -6.64 9.12 20.39
CA TYR A 190 -6.28 9.90 19.17
C TYR A 190 -6.31 9.09 17.90
N TYR A 191 -6.38 9.77 16.80
CA TYR A 191 -6.16 9.22 15.46
C TYR A 191 -4.76 9.52 15.04
N ARG A 192 -4.12 8.62 14.31
CA ARG A 192 -2.75 8.84 13.85
C ARG A 192 -2.58 8.38 12.43
N TYR A 193 -1.95 9.25 11.60
CA TYR A 193 -1.70 8.88 10.22
C TYR A 193 -0.57 9.70 9.68
N ARG A 194 0.06 9.24 8.61
CA ARG A 194 1.08 10.00 7.91
C ARG A 194 0.47 10.81 6.84
N GLY A 195 0.74 12.12 6.87
CA GLY A 195 0.19 13.01 5.84
C GLY A 195 1.08 14.16 5.56
N SER A 196 0.48 15.32 5.36
CA SER A 196 1.24 16.44 4.80
C SER A 196 0.90 17.72 5.57
N LEU A 197 1.67 18.78 5.29
CA LEU A 197 1.19 20.12 5.66
C LEU A 197 -0.18 20.34 4.95
N THR A 198 -1.08 21.04 5.59
CA THR A 198 -2.35 21.35 4.92
C THR A 198 -2.29 22.69 4.22
N THR A 199 -1.13 23.39 4.29
CA THR A 199 -0.89 24.61 3.58
C THR A 199 0.30 24.40 2.67
N PRO A 200 0.41 25.28 1.68
CA PRO A 200 1.69 25.27 0.93
C PRO A 200 2.88 25.37 1.91
N PRO A 201 3.95 24.66 1.63
CA PRO A 201 4.24 23.87 0.38
C PRO A 201 3.69 22.45 0.34
N CYS A 202 2.88 22.04 1.33
CA CYS A 202 2.13 20.72 1.39
C CYS A 202 3.07 19.53 1.39
N ASN A 203 4.24 19.71 1.98
CA ASN A 203 5.17 18.61 1.99
C ASN A 203 4.59 17.43 2.71
N PRO A 204 4.82 16.20 2.21
CA PRO A 204 4.27 14.99 2.81
C PRO A 204 5.13 14.44 3.94
N THR A 205 5.34 15.29 4.92
CA THR A 205 6.34 14.97 5.92
C THR A 205 5.80 15.09 7.33
N VAL A 206 4.46 15.01 7.50
CA VAL A 206 3.85 15.20 8.83
C VAL A 206 3.27 13.98 9.38
N LEU A 207 3.67 13.68 10.59
CA LEU A 207 3.03 12.63 11.37
C LEU A 207 1.88 13.31 12.16
N TRP A 208 0.65 13.03 11.75
CA TRP A 208 -0.58 13.61 12.38
C TRP A 208 -1.08 12.88 13.58
N THR A 209 -1.41 13.63 14.66
CA THR A 209 -2.10 13.13 15.82
C THR A 209 -3.31 14.01 15.96
N VAL A 210 -4.47 13.43 15.70
CA VAL A 210 -5.72 14.24 15.85
C VAL A 210 -6.43 13.69 17.11
N PHE A 211 -6.56 14.48 18.15
CA PHE A 211 -7.23 13.93 19.34
C PHE A 211 -8.67 13.62 19.08
N ARG A 212 -9.11 12.51 19.71
N ARG A 212 -9.14 12.52 19.69
CA ARG A 212 -10.48 12.04 19.54
CA ARG A 212 -10.51 12.09 19.41
C ARG A 212 -11.54 13.05 19.98
C ARG A 212 -11.57 13.08 19.97
N ASN A 213 -11.30 13.70 21.11
CA ASN A 213 -12.37 14.52 21.74
C ASN A 213 -12.10 16.00 21.44
N PRO A 214 -13.16 16.76 21.17
CA PRO A 214 -13.01 18.13 20.90
C PRO A 214 -12.90 18.94 22.24
N VAL A 215 -12.43 20.17 22.11
CA VAL A 215 -12.60 21.16 23.15
C VAL A 215 -13.80 22.07 22.81
N GLN A 216 -14.17 22.89 23.76
CA GLN A 216 -15.27 23.86 23.56
C GLN A 216 -14.80 25.21 23.79
N ILE A 217 -15.23 26.16 22.96
CA ILE A 217 -15.08 27.62 23.18
C ILE A 217 -16.46 28.26 23.05
N SER A 218 -16.61 29.46 23.64
CA SER A 218 -17.97 29.99 23.52
C SER A 218 -18.33 30.54 22.18
N GLN A 219 -19.64 30.77 21.99
CA GLN A 219 -20.06 31.46 20.75
C GLN A 219 -19.39 32.80 20.52
N GLU A 220 -19.13 33.58 21.55
CA GLU A 220 -18.49 34.80 21.41
C GLU A 220 -16.99 34.57 21.03
N GLN A 221 -16.33 33.57 21.67
CA GLN A 221 -14.92 33.34 21.32
C GLN A 221 -14.81 32.89 19.83
N LEU A 222 -15.73 32.03 19.41
CA LEU A 222 -15.67 31.53 18.03
C LEU A 222 -15.90 32.69 17.08
N LEU A 223 -16.90 33.60 17.42
CA LEU A 223 -17.13 34.76 16.55
C LEU A 223 -15.93 35.67 16.54
N ALA A 224 -15.21 35.86 17.67
CA ALA A 224 -14.06 36.70 17.64
C ALA A 224 -12.98 36.16 16.73
N LEU A 225 -12.72 34.84 16.84
CA LEU A 225 -11.71 34.24 15.96
C LEU A 225 -12.08 34.42 14.47
N GLU A 226 -13.40 34.27 14.16
CA GLU A 226 -13.81 34.42 12.77
C GLU A 226 -13.87 35.85 12.24
N THR A 227 -13.84 36.86 13.09
CA THR A 227 -14.13 38.23 12.64
C THR A 227 -12.98 39.16 12.98
N ALA A 228 -12.02 38.74 13.80
CA ALA A 228 -10.97 39.67 14.28
C ALA A 228 -9.89 39.96 13.27
N LEU A 229 -9.68 39.07 12.27
CA LEU A 229 -8.47 39.12 11.48
C LEU A 229 -8.70 39.37 10.02
N TYR A 230 -7.75 40.03 9.41
CA TYR A 230 -7.67 40.20 7.96
C TYR A 230 -6.39 39.56 7.40
N CYS A 231 -6.47 39.18 6.12
N CYS A 231 -6.46 39.18 6.14
CA CYS A 231 -5.37 38.56 5.43
CA CYS A 231 -5.34 38.57 5.50
C CYS A 231 -4.41 39.61 4.92
C CYS A 231 -4.50 39.58 4.75
N THR A 232 -4.95 40.84 4.79
CA THR A 232 -4.29 41.94 4.13
C THR A 232 -3.56 42.86 5.10
N HIS A 233 -2.58 43.64 4.59
CA HIS A 233 -1.92 44.64 5.40
C HIS A 233 -2.91 45.78 5.70
N MET A 234 -2.67 46.44 6.83
CA MET A 234 -3.52 47.55 7.23
C MET A 234 -3.84 48.56 6.12
N ASP A 235 -2.85 48.93 5.30
CA ASP A 235 -3.09 50.02 4.36
C ASP A 235 -3.56 49.53 3.04
N ASP A 236 -3.90 48.27 2.95
CA ASP A 236 -4.44 47.72 1.72
C ASP A 236 -5.77 48.32 1.37
N PRO A 237 -5.91 48.98 0.21
CA PRO A 237 -7.23 49.54 -0.13
C PRO A 237 -8.34 48.51 -0.51
N SER A 238 -7.98 47.22 -0.58
CA SER A 238 -8.93 46.14 -0.83
C SER A 238 -8.81 45.07 0.28
N PRO A 239 -9.32 45.36 1.46
CA PRO A 239 -9.04 44.42 2.55
C PRO A 239 -9.76 43.08 2.30
N ARG A 240 -9.20 41.99 2.85
CA ARG A 240 -9.80 40.71 2.70
C ARG A 240 -9.88 40.08 4.13
N GLU A 241 -11.08 39.76 4.58
CA GLU A 241 -11.25 39.12 5.88
C GLU A 241 -10.58 37.75 5.91
N MET A 242 -9.93 37.40 7.04
CA MET A 242 -9.35 36.07 7.18
C MET A 242 -10.43 35.14 7.72
N ILE A 243 -11.07 34.45 6.76
CA ILE A 243 -12.14 33.48 7.04
C ILE A 243 -11.94 32.28 6.13
N ASN A 244 -12.54 31.16 6.52
CA ASN A 244 -12.54 29.97 5.66
C ASN A 244 -11.11 29.51 5.32
N ASN A 245 -10.21 29.61 6.31
CA ASN A 245 -8.77 29.36 6.07
C ASN A 245 -8.51 27.89 6.37
N PHE A 246 -9.25 26.95 5.79
CA PHE A 246 -9.07 25.51 5.93
C PHE A 246 -9.03 24.95 4.53
N ARG A 247 -8.30 23.88 4.44
CA ARG A 247 -8.24 23.18 3.12
C ARG A 247 -9.32 22.08 3.06
N GLN A 248 -9.95 21.96 1.88
CA GLN A 248 -10.88 20.80 1.71
C GLN A 248 -10.25 19.47 1.97
N VAL A 249 -11.00 18.48 2.42
CA VAL A 249 -10.46 17.13 2.66
C VAL A 249 -9.97 16.53 1.31
N GLN A 250 -8.96 15.75 1.44
CA GLN A 250 -8.33 15.09 0.28
C GLN A 250 -8.77 13.64 0.16
N LYS A 251 -8.64 13.11 -1.07
CA LYS A 251 -8.91 11.66 -1.16
C LYS A 251 -7.92 10.91 -0.32
N PHE A 252 -8.35 9.76 0.24
CA PHE A 252 -7.45 8.96 1.09
C PHE A 252 -7.93 7.50 0.91
N ASP A 253 -7.26 6.75 0.06
CA ASP A 253 -7.80 5.41 -0.47
C ASP A 253 -6.72 4.41 -0.28
N GLU A 254 -7.15 3.20 0.13
CA GLU A 254 -6.28 2.03 0.36
C GLU A 254 -5.30 2.29 1.51
N ARG A 255 -5.76 3.10 2.45
CA ARG A 255 -4.99 3.50 3.64
C ARG A 255 -5.83 3.50 4.88
N LEU A 256 -5.14 3.39 5.99
CA LEU A 256 -5.77 3.35 7.26
C LEU A 256 -5.31 4.60 8.07
N VAL A 257 -6.24 4.94 8.93
CA VAL A 257 -5.94 5.78 10.05
C VAL A 257 -5.96 4.96 11.30
N TYR A 258 -4.92 5.00 12.03
CA TYR A 258 -4.76 4.15 13.18
C TYR A 258 -5.35 4.87 14.34
N THR A 259 -6.01 4.15 15.23
CA THR A 259 -6.58 4.80 16.45
C THR A 259 -5.99 4.21 17.72
N SER A 260 -5.82 5.01 18.75
CA SER A 260 -5.36 4.49 20.04
C SER A 260 -6.51 3.95 20.86
N PHE A 261 -7.73 3.97 20.32
CA PHE A 261 -8.90 3.55 21.06
C PHE A 261 -9.61 2.59 20.17
N SER A 262 -10.37 1.69 20.79
CA SER A 262 -11.18 0.81 19.97
C SER A 262 -12.66 1.14 20.24
N GLN A 263 -13.02 1.22 21.53
CA GLN A 263 -14.43 1.31 21.98
C GLN A 263 -15.22 2.45 21.29
N SER B 2 -6.88 15.28 -23.45
CA SER B 2 -7.26 14.90 -22.05
C SER B 2 -6.34 13.72 -21.51
N LYS B 3 -5.32 14.03 -20.71
CA LYS B 3 -4.65 13.01 -19.85
C LYS B 3 -4.86 13.26 -18.34
N TRP B 4 -5.76 14.21 -18.01
CA TRP B 4 -6.12 14.42 -16.63
C TRP B 4 -6.74 13.13 -16.11
N THR B 5 -6.62 12.93 -14.81
CA THR B 5 -7.12 11.72 -14.19
C THR B 5 -7.74 12.10 -12.83
N TYR B 6 -8.15 11.12 -12.07
CA TYR B 6 -8.60 11.29 -10.70
C TYR B 6 -7.66 10.82 -9.59
N PHE B 7 -6.47 10.42 -10.04
CA PHE B 7 -5.55 9.79 -9.14
C PHE B 7 -4.13 9.99 -9.61
N GLY B 8 -3.29 10.51 -8.76
CA GLY B 8 -1.82 10.59 -9.03
C GLY B 8 -1.45 11.99 -9.47
N PRO B 9 -0.33 12.19 -10.17
CA PRO B 9 0.15 13.49 -10.59
C PRO B 9 -0.73 14.31 -11.46
N ASP B 10 -1.66 13.66 -12.23
CA ASP B 10 -2.56 14.37 -13.08
C ASP B 10 -4.01 14.44 -12.52
N GLY B 11 -4.03 14.17 -11.20
CA GLY B 11 -5.35 14.18 -10.49
C GLY B 11 -5.78 15.61 -10.17
N GLU B 12 -6.89 15.67 -9.38
CA GLU B 12 -7.67 16.91 -9.38
C GLU B 12 -7.01 18.17 -8.81
N ASN B 13 -6.01 17.94 -7.92
CA ASN B 13 -5.33 19.14 -7.44
C ASN B 13 -4.39 19.75 -8.47
N SER B 14 -4.20 19.03 -9.54
CA SER B 14 -3.38 19.51 -10.67
C SER B 14 -4.13 19.95 -11.87
N TRP B 15 -5.46 19.74 -11.94
CA TRP B 15 -6.16 20.08 -13.17
C TRP B 15 -6.00 21.55 -13.52
N SER B 16 -5.94 22.44 -12.58
CA SER B 16 -5.82 23.88 -12.86
C SER B 16 -4.55 24.26 -13.62
N LYS B 17 -3.55 23.37 -13.61
CA LYS B 17 -2.29 23.66 -14.32
C LYS B 17 -2.57 23.72 -15.79
N LYS B 18 -3.44 22.85 -16.31
CA LYS B 18 -3.77 22.85 -17.77
C LYS B 18 -5.16 23.47 -18.07
N TYR B 19 -6.06 23.56 -17.04
CA TYR B 19 -7.49 24.00 -17.26
C TYR B 19 -7.72 25.08 -16.24
N PRO B 20 -7.46 26.34 -16.59
CA PRO B 20 -7.52 27.40 -15.58
C PRO B 20 -8.86 27.48 -14.91
N SER B 21 -9.99 27.18 -15.56
CA SER B 21 -11.27 27.35 -14.89
C SER B 21 -11.41 26.36 -13.73
N CYS B 22 -10.64 25.32 -13.67
CA CYS B 22 -10.70 24.38 -12.52
C CYS B 22 -10.22 25.01 -11.25
N GLY B 23 -9.44 26.12 -11.33
CA GLY B 23 -9.01 26.94 -10.17
C GLY B 23 -9.79 28.21 -10.08
N GLY B 24 -10.87 28.36 -10.79
CA GLY B 24 -11.65 29.58 -10.80
C GLY B 24 -12.83 29.49 -9.84
N LEU B 25 -13.74 30.39 -10.13
CA LEU B 25 -14.89 30.45 -9.16
C LEU B 25 -16.00 29.50 -9.63
N LEU B 26 -17.03 29.40 -8.77
CA LEU B 26 -18.26 28.71 -9.10
C LEU B 26 -18.05 27.23 -9.38
N GLN B 27 -17.12 26.60 -8.67
CA GLN B 27 -16.85 25.15 -8.96
C GLN B 27 -17.82 24.22 -8.29
N SER B 28 -18.02 23.13 -8.96
CA SER B 28 -18.78 22.00 -8.47
C SER B 28 -17.94 20.78 -8.35
N PRO B 29 -18.29 19.75 -7.61
CA PRO B 29 -19.52 19.67 -6.78
C PRO B 29 -19.34 20.34 -5.44
N ILE B 30 -20.41 20.24 -4.65
CA ILE B 30 -20.44 20.91 -3.32
C ILE B 30 -21.15 19.97 -2.33
N ASP B 31 -20.92 20.31 -1.05
CA ASP B 31 -21.57 19.59 0.05
C ASP B 31 -22.89 20.39 0.31
N LEU B 32 -24.00 19.67 0.23
CA LEU B 32 -25.34 20.30 0.43
C LEU B 32 -25.59 20.18 1.94
N HIS B 33 -25.57 21.31 2.67
CA HIS B 33 -25.72 21.25 4.16
C HIS B 33 -26.53 22.48 4.56
N SER B 34 -27.13 22.37 5.77
CA SER B 34 -28.16 23.37 6.13
C SER B 34 -27.69 24.78 6.10
N ASP B 35 -26.46 25.10 6.46
CA ASP B 35 -26.08 26.51 6.59
C ASP B 35 -26.19 27.28 5.32
N ILE B 36 -26.16 26.57 4.19
CA ILE B 36 -26.05 27.26 2.89
C ILE B 36 -27.32 27.03 2.05
N LEU B 37 -28.32 26.39 2.63
CA LEU B 37 -29.63 26.09 1.97
C LEU B 37 -30.59 27.17 2.20
N GLN B 38 -31.40 27.50 1.20
CA GLN B 38 -32.50 28.47 1.40
C GLN B 38 -33.63 28.13 0.48
N TYR B 39 -34.83 28.04 1.04
CA TYR B 39 -36.02 27.73 0.26
C TYR B 39 -36.30 28.88 -0.71
N ASP B 40 -36.65 28.49 -1.91
CA ASP B 40 -37.09 29.44 -2.94
C ASP B 40 -38.33 28.87 -3.51
N ALA B 41 -39.49 29.51 -3.23
CA ALA B 41 -40.76 29.09 -3.79
C ALA B 41 -40.92 29.27 -5.28
N SER B 42 -40.05 30.00 -5.91
CA SER B 42 -40.09 30.08 -7.37
C SER B 42 -39.51 28.86 -8.13
N LEU B 43 -38.98 27.91 -7.38
CA LEU B 43 -38.44 26.68 -7.97
C LEU B 43 -39.54 25.72 -8.19
N THR B 44 -40.26 25.95 -9.30
CA THR B 44 -41.37 25.11 -9.64
C THR B 44 -40.99 23.80 -10.35
N PRO B 45 -41.89 22.87 -10.54
CA PRO B 45 -41.48 21.57 -11.03
C PRO B 45 -40.97 21.58 -12.47
N LEU B 46 -39.89 20.83 -12.76
CA LEU B 46 -39.48 20.72 -14.16
C LEU B 46 -40.38 19.66 -14.83
N GLU B 47 -40.52 19.78 -16.15
CA GLU B 47 -41.17 18.68 -16.89
C GLU B 47 -40.12 18.08 -17.88
N PHE B 48 -40.17 16.77 -17.94
CA PHE B 48 -39.20 15.95 -18.74
C PHE B 48 -39.87 15.50 -20.03
N GLN B 49 -39.46 16.12 -21.14
CA GLN B 49 -40.18 15.87 -22.39
C GLN B 49 -39.32 15.05 -23.34
N GLY B 50 -39.93 14.04 -23.92
CA GLY B 50 -39.19 13.25 -24.90
C GLY B 50 -38.13 12.42 -24.21
N TYR B 51 -38.34 12.15 -22.93
CA TYR B 51 -37.43 11.25 -22.20
C TYR B 51 -37.73 9.77 -22.43
N ASN B 52 -38.94 9.44 -22.97
CA ASN B 52 -39.27 8.06 -23.18
C ASN B 52 -38.81 7.68 -24.56
N LEU B 53 -37.57 7.23 -24.61
CA LEU B 53 -36.92 6.97 -25.89
C LEU B 53 -37.50 5.60 -26.44
N SER B 54 -37.70 5.57 -27.77
CA SER B 54 -38.28 4.39 -28.36
C SER B 54 -37.34 3.18 -28.17
N ALA B 55 -37.87 2.03 -27.75
CA ALA B 55 -37.08 0.80 -27.65
C ALA B 55 -36.66 0.25 -28.99
N ASN B 56 -37.22 0.77 -30.08
CA ASN B 56 -36.82 0.28 -31.42
C ASN B 56 -35.73 1.15 -31.97
N LYS B 57 -35.39 2.24 -31.31
CA LYS B 57 -34.23 3.04 -31.65
C LYS B 57 -33.07 2.67 -30.71
N GLN B 58 -31.88 3.13 -31.04
CA GLN B 58 -30.70 2.78 -30.26
C GLN B 58 -29.81 4.00 -30.17
N PHE B 59 -29.13 4.05 -29.00
CA PHE B 59 -28.38 5.22 -28.56
C PHE B 59 -26.95 4.83 -28.20
N LEU B 60 -26.02 5.69 -28.57
CA LEU B 60 -24.62 5.31 -28.44
C LEU B 60 -24.06 5.48 -27.05
N LEU B 61 -23.54 4.39 -26.55
CA LEU B 61 -22.81 4.32 -25.26
C LEU B 61 -21.31 4.29 -25.50
N THR B 62 -20.56 5.12 -24.85
CA THR B 62 -19.12 5.27 -25.16
C THR B 62 -18.36 5.34 -23.84
N ASN B 63 -17.22 4.70 -23.76
CA ASN B 63 -16.23 4.93 -22.71
C ASN B 63 -15.33 6.00 -23.20
N ASN B 64 -15.35 7.16 -22.54
CA ASN B 64 -14.53 8.34 -22.99
C ASN B 64 -13.20 8.47 -22.25
N GLY B 65 -12.84 7.43 -21.53
CA GLY B 65 -11.58 7.46 -20.76
C GLY B 65 -11.77 8.03 -19.36
N HIS B 66 -12.94 8.61 -19.05
CA HIS B 66 -13.18 9.22 -17.73
C HIS B 66 -14.49 8.78 -17.11
N SER B 67 -15.47 8.38 -17.92
CA SER B 67 -16.77 7.84 -17.44
C SER B 67 -17.31 7.00 -18.57
N VAL B 68 -18.51 6.48 -18.34
CA VAL B 68 -19.24 5.85 -19.43
C VAL B 68 -20.41 6.84 -19.70
N LYS B 69 -20.59 7.15 -20.97
CA LYS B 69 -21.61 8.15 -21.40
C LYS B 69 -22.57 7.54 -22.40
N LEU B 70 -23.82 7.91 -22.27
CA LEU B 70 -24.85 7.59 -23.25
C LEU B 70 -25.24 8.87 -23.96
N ASN B 71 -25.15 8.91 -25.31
CA ASN B 71 -25.64 10.12 -26.08
C ASN B 71 -27.16 10.07 -26.13
N LEU B 72 -27.69 11.28 -26.03
CA LEU B 72 -29.10 11.43 -25.98
C LEU B 72 -29.53 12.37 -27.15
N PRO B 73 -30.79 12.20 -27.55
CA PRO B 73 -31.25 12.97 -28.73
C PRO B 73 -31.72 14.37 -28.34
N SER B 74 -31.58 15.31 -29.29
CA SER B 74 -31.91 16.71 -28.90
C SER B 74 -33.42 16.94 -28.83
N ASP B 75 -34.22 15.95 -29.16
CA ASP B 75 -35.73 16.07 -29.06
C ASP B 75 -36.08 15.87 -27.49
N MET B 76 -35.12 15.37 -26.70
CA MET B 76 -35.32 15.18 -25.26
C MET B 76 -35.02 16.53 -24.59
N HIS B 77 -35.96 17.09 -23.77
CA HIS B 77 -35.66 18.41 -23.19
C HIS B 77 -36.29 18.57 -21.86
N ILE B 78 -35.78 19.55 -21.21
CA ILE B 78 -36.44 19.95 -19.93
C ILE B 78 -37.27 21.17 -20.23
N GLN B 79 -38.48 21.20 -19.68
CA GLN B 79 -39.35 22.40 -19.73
C GLN B 79 -39.44 22.92 -18.29
N GLY B 80 -39.34 24.21 -18.17
CA GLY B 80 -39.60 24.88 -16.85
C GLY B 80 -38.51 25.78 -16.48
N LEU B 81 -37.35 25.71 -17.17
CA LEU B 81 -36.34 26.74 -17.03
C LEU B 81 -36.64 27.94 -17.94
N GLN B 82 -35.81 28.96 -17.91
CA GLN B 82 -36.18 30.16 -18.72
C GLN B 82 -35.87 30.06 -20.20
N SER B 83 -35.19 28.97 -20.60
CA SER B 83 -35.00 28.53 -22.00
C SER B 83 -35.28 27.04 -22.01
N ARG B 84 -35.41 26.52 -23.24
N ARG B 84 -35.63 26.45 -23.16
CA ARG B 84 -35.41 25.12 -23.47
CA ARG B 84 -35.69 25.01 -23.24
C ARG B 84 -33.98 24.60 -23.31
C ARG B 84 -34.22 24.53 -23.34
N TYR B 85 -33.92 23.46 -22.60
CA TYR B 85 -32.59 22.84 -22.48
C TYR B 85 -32.82 21.49 -23.09
N SER B 86 -32.01 21.11 -24.05
CA SER B 86 -32.11 19.82 -24.73
C SER B 86 -30.94 18.90 -24.24
N ALA B 87 -31.28 17.65 -24.12
CA ALA B 87 -30.30 16.64 -23.63
C ALA B 87 -29.18 16.48 -24.65
N THR B 88 -27.99 16.20 -24.13
CA THR B 88 -26.87 15.79 -25.01
C THR B 88 -26.31 14.45 -24.60
N GLN B 89 -26.18 14.18 -23.27
CA GLN B 89 -25.61 12.89 -22.82
C GLN B 89 -25.87 12.71 -21.36
N LEU B 90 -25.83 11.47 -20.94
CA LEU B 90 -25.76 11.20 -19.50
C LEU B 90 -24.54 10.40 -19.20
N HIS B 91 -24.09 10.43 -17.94
CA HIS B 91 -22.89 9.63 -17.54
C HIS B 91 -22.96 9.51 -16.03
N LEU B 92 -22.01 8.76 -15.51
CA LEU B 92 -21.98 8.47 -14.06
C LEU B 92 -20.60 8.72 -13.44
N HIS B 93 -20.66 8.84 -12.13
CA HIS B 93 -19.45 8.90 -11.25
C HIS B 93 -19.60 7.92 -10.16
N TRP B 94 -18.52 7.24 -9.76
CA TRP B 94 -18.58 6.15 -8.76
C TRP B 94 -17.24 5.97 -8.09
N GLY B 95 -17.31 5.09 -7.06
CA GLY B 95 -16.13 4.84 -6.22
C GLY B 95 -15.38 3.59 -6.67
N ASN B 96 -15.31 2.59 -5.75
CA ASN B 96 -14.59 1.39 -6.12
C ASN B 96 -15.14 0.24 -5.29
N PRO B 97 -14.74 -1.01 -5.63
CA PRO B 97 -15.39 -2.10 -4.94
C PRO B 97 -15.19 -2.19 -3.45
N ASN B 98 -14.06 -1.67 -2.95
CA ASN B 98 -13.83 -1.73 -1.50
C ASN B 98 -14.29 -0.48 -0.83
N ASP B 99 -14.78 0.50 -1.58
CA ASP B 99 -15.32 1.75 -0.92
C ASP B 99 -16.35 2.30 -1.95
N PRO B 100 -17.56 1.80 -1.88
CA PRO B 100 -18.62 2.22 -2.89
C PRO B 100 -19.25 3.51 -2.42
N HIS B 101 -18.52 4.61 -2.46
CA HIS B 101 -18.96 5.92 -1.94
C HIS B 101 -18.42 6.97 -2.83
N GLY B 102 -18.89 6.97 -4.07
CA GLY B 102 -18.29 7.85 -5.06
C GLY B 102 -19.25 8.89 -5.71
N SER B 103 -20.29 9.30 -5.02
CA SER B 103 -21.04 10.45 -5.52
C SER B 103 -20.13 11.69 -5.55
N GLU B 104 -20.49 12.68 -6.35
CA GLU B 104 -19.78 13.95 -6.40
C GLU B 104 -20.35 14.93 -5.37
N HIS B 105 -21.65 15.19 -5.46
CA HIS B 105 -22.26 16.02 -4.40
C HIS B 105 -22.38 15.11 -3.17
N THR B 106 -22.28 15.77 -1.99
CA THR B 106 -22.51 15.14 -0.67
C THR B 106 -23.66 15.83 -0.03
N VAL B 107 -24.28 15.12 0.92
CA VAL B 107 -25.38 15.77 1.67
C VAL B 107 -25.07 15.61 3.15
N SER B 108 -24.95 16.82 3.73
CA SER B 108 -24.51 16.87 5.20
C SER B 108 -23.32 15.97 5.43
N GLY B 109 -22.36 16.13 4.54
CA GLY B 109 -21.09 15.52 4.62
C GLY B 109 -20.96 14.03 4.16
N GLN B 110 -22.04 13.44 3.70
CA GLN B 110 -22.03 12.02 3.40
C GLN B 110 -22.08 11.85 1.87
N HIS B 111 -21.16 11.02 1.41
CA HIS B 111 -21.28 10.54 0.03
C HIS B 111 -22.33 9.47 -0.16
N PHE B 112 -22.92 9.44 -1.33
CA PHE B 112 -23.77 8.42 -1.78
C PHE B 112 -22.85 7.43 -2.58
N ALA B 113 -23.40 6.32 -3.01
CA ALA B 113 -22.57 5.30 -3.68
C ALA B 113 -22.11 5.82 -5.00
N ALA B 114 -22.97 6.54 -5.75
CA ALA B 114 -22.60 6.99 -7.13
C ALA B 114 -23.54 8.13 -7.46
N GLU B 115 -23.36 8.68 -8.67
CA GLU B 115 -24.17 9.81 -9.09
C GLU B 115 -24.34 9.81 -10.58
N LEU B 116 -25.57 10.06 -11.05
CA LEU B 116 -25.87 10.16 -12.48
C LEU B 116 -26.02 11.63 -12.83
N HIS B 117 -25.43 12.04 -13.92
CA HIS B 117 -25.62 13.42 -14.50
C HIS B 117 -26.22 13.32 -15.86
N ILE B 118 -27.33 14.02 -16.05
CA ILE B 118 -27.94 14.14 -17.42
C ILE B 118 -27.71 15.54 -17.91
N VAL B 119 -26.79 15.71 -18.86
CA VAL B 119 -26.32 16.99 -19.29
C VAL B 119 -27.20 17.52 -20.42
N HIS B 120 -27.63 18.76 -20.26
CA HIS B 120 -28.48 19.42 -21.28
C HIS B 120 -27.78 20.76 -21.57
N TYR B 121 -28.13 21.29 -22.77
CA TYR B 121 -27.63 22.56 -23.18
C TYR B 121 -28.78 23.48 -23.68
N ASN B 122 -28.49 24.77 -23.66
CA ASN B 122 -29.60 25.72 -24.02
C ASN B 122 -29.72 25.70 -25.58
N SER B 123 -30.68 24.91 -26.10
CA SER B 123 -30.80 24.73 -27.55
C SER B 123 -31.58 25.92 -28.13
N ASP B 124 -32.17 26.76 -27.30
CA ASP B 124 -32.87 27.93 -27.85
C ASP B 124 -31.79 28.91 -28.35
N LEU B 125 -30.64 28.90 -27.71
CA LEU B 125 -29.53 29.83 -27.95
C LEU B 125 -28.38 29.22 -28.72
N TYR B 126 -28.14 27.92 -28.61
CA TYR B 126 -26.84 27.36 -29.12
C TYR B 126 -27.10 26.13 -29.90
N PRO B 127 -26.25 25.90 -30.95
CA PRO B 127 -26.35 24.81 -31.86
C PRO B 127 -25.95 23.46 -31.27
N ASP B 128 -25.20 23.45 -30.15
CA ASP B 128 -24.70 22.21 -29.59
C ASP B 128 -24.12 22.48 -28.20
N ALA B 129 -23.85 21.42 -27.45
CA ALA B 129 -23.37 21.56 -26.10
C ALA B 129 -21.98 22.13 -26.03
N SER B 130 -21.13 21.85 -27.03
N SER B 130 -21.12 21.85 -27.00
CA SER B 130 -19.74 22.41 -27.03
CA SER B 130 -19.76 22.43 -26.93
C SER B 130 -19.77 23.95 -27.01
C SER B 130 -19.81 23.98 -26.97
N THR B 131 -20.56 24.54 -27.91
CA THR B 131 -20.76 25.98 -27.95
C THR B 131 -21.38 26.56 -26.70
N ALA B 132 -22.45 25.90 -26.17
CA ALA B 132 -23.13 26.31 -24.96
C ALA B 132 -22.19 26.33 -23.74
N SER B 133 -21.17 25.48 -23.76
CA SER B 133 -20.40 25.18 -22.54
C SER B 133 -19.59 26.40 -22.08
N ASN B 134 -19.42 27.39 -22.97
CA ASN B 134 -18.71 28.64 -22.67
C ASN B 134 -19.59 29.76 -22.33
N LYS B 135 -20.88 29.50 -22.24
CA LYS B 135 -21.75 30.68 -22.12
C LYS B 135 -22.55 30.67 -20.89
N SER B 136 -22.95 31.86 -20.46
CA SER B 136 -23.68 32.10 -19.25
C SER B 136 -24.88 31.13 -19.16
N GLU B 137 -24.96 30.30 -18.11
CA GLU B 137 -26.05 29.24 -17.98
C GLU B 137 -26.29 28.43 -19.29
N GLY B 138 -25.24 28.19 -20.09
CA GLY B 138 -25.34 27.43 -21.27
C GLY B 138 -25.71 25.97 -21.05
N LEU B 139 -25.32 25.41 -19.88
CA LEU B 139 -25.62 23.98 -19.60
C LEU B 139 -26.52 23.87 -18.42
N ALA B 140 -27.33 22.83 -18.37
CA ALA B 140 -28.11 22.52 -17.14
C ALA B 140 -27.95 21.01 -16.96
N VAL B 141 -27.56 20.62 -15.77
CA VAL B 141 -27.39 19.22 -15.45
C VAL B 141 -28.40 18.76 -14.44
N LEU B 142 -28.99 17.62 -14.66
CA LEU B 142 -29.84 16.95 -13.62
C LEU B 142 -28.97 15.94 -12.97
N ALA B 143 -28.85 15.99 -11.63
CA ALA B 143 -28.05 15.04 -10.87
C ALA B 143 -28.87 14.19 -10.00
N VAL B 144 -28.70 12.86 -10.09
CA VAL B 144 -29.43 11.88 -9.29
C VAL B 144 -28.38 11.22 -8.36
N LEU B 145 -28.60 11.27 -7.06
CA LEU B 145 -27.82 10.58 -6.06
C LEU B 145 -28.19 9.14 -6.05
N ILE B 146 -27.21 8.22 -6.04
CA ILE B 146 -27.47 6.80 -6.13
C ILE B 146 -26.98 6.10 -4.84
N GLU B 147 -27.87 5.39 -4.17
N GLU B 147 -27.90 5.38 -4.22
CA GLU B 147 -27.43 4.72 -2.97
CA GLU B 147 -27.62 4.65 -3.01
C GLU B 147 -27.60 3.19 -3.14
C GLU B 147 -27.55 3.14 -3.25
N MET B 148 -26.73 2.45 -2.48
CA MET B 148 -26.76 1.00 -2.49
C MET B 148 -28.06 0.51 -1.83
N GLY B 149 -28.77 -0.26 -2.63
CA GLY B 149 -30.12 -0.73 -2.22
C GLY B 149 -30.57 -1.86 -3.10
N SER B 150 -31.83 -1.76 -3.48
CA SER B 150 -32.49 -2.75 -4.41
C SER B 150 -31.91 -2.67 -5.82
N PHE B 151 -31.92 -3.84 -6.46
CA PHE B 151 -31.66 -3.93 -7.90
C PHE B 151 -32.56 -3.03 -8.62
N ASN B 152 -32.03 -2.31 -9.66
CA ASN B 152 -32.79 -1.32 -10.40
C ASN B 152 -32.79 -1.73 -11.88
N PRO B 153 -33.88 -2.26 -12.38
CA PRO B 153 -33.94 -2.73 -13.80
C PRO B 153 -33.72 -1.60 -14.77
N SER B 154 -34.11 -0.36 -14.43
CA SER B 154 -33.94 0.73 -15.38
C SER B 154 -32.44 1.11 -15.58
N TYR B 155 -31.70 1.21 -14.45
CA TYR B 155 -30.26 1.44 -14.58
C TYR B 155 -29.60 0.23 -15.24
N ASP B 156 -30.13 -0.95 -15.06
CA ASP B 156 -29.51 -2.07 -15.71
C ASP B 156 -29.65 -1.99 -17.23
N LYS B 157 -30.57 -1.20 -17.79
CA LYS B 157 -30.62 -1.06 -19.25
C LYS B 157 -29.30 -0.45 -19.72
N ILE B 158 -28.59 0.29 -18.87
CA ILE B 158 -27.24 0.80 -19.18
C ILE B 158 -26.23 -0.21 -18.76
N PHE B 159 -26.26 -0.72 -17.51
CA PHE B 159 -25.16 -1.51 -16.98
C PHE B 159 -25.01 -2.84 -17.70
N SER B 160 -26.08 -3.33 -18.28
CA SER B 160 -25.97 -4.62 -19.02
C SER B 160 -25.09 -4.52 -20.22
N HIS B 161 -24.70 -3.32 -20.65
CA HIS B 161 -23.76 -3.16 -21.80
C HIS B 161 -22.33 -2.87 -21.38
N LEU B 162 -21.99 -2.85 -20.08
CA LEU B 162 -20.64 -2.39 -19.67
C LEU B 162 -19.54 -3.22 -20.19
N GLN B 163 -19.73 -4.50 -20.34
CA GLN B 163 -18.62 -5.32 -20.84
C GLN B 163 -18.32 -5.14 -22.30
N HIS B 164 -19.10 -4.32 -22.99
CA HIS B 164 -18.86 -3.96 -24.37
C HIS B 164 -18.20 -2.58 -24.61
N VAL B 165 -18.04 -1.86 -23.50
CA VAL B 165 -17.41 -0.55 -23.55
C VAL B 165 -16.29 -0.51 -22.51
N LYS B 166 -15.59 -1.63 -22.27
N LYS B 166 -15.63 -1.65 -22.40
CA LYS B 166 -14.59 -1.71 -21.14
CA LYS B 166 -14.71 -1.85 -21.36
C LYS B 166 -13.42 -0.70 -21.35
C LYS B 166 -13.52 -0.87 -21.42
N TYR B 167 -13.07 -0.47 -22.62
CA TYR B 167 -11.94 0.41 -22.85
C TYR B 167 -12.18 1.72 -23.51
N LYS B 168 -11.29 2.67 -23.26
CA LYS B 168 -11.39 4.02 -23.83
C LYS B 168 -11.63 3.94 -25.34
N GLY B 169 -12.62 4.68 -25.82
CA GLY B 169 -12.96 4.76 -27.27
C GLY B 169 -13.94 3.77 -27.75
N GLN B 170 -14.25 2.73 -26.97
CA GLN B 170 -15.19 1.71 -27.39
C GLN B 170 -16.63 2.30 -27.31
N GLU B 171 -17.45 1.80 -28.19
CA GLU B 171 -18.82 2.26 -28.38
C GLU B 171 -19.73 1.04 -28.40
N ALA B 172 -20.95 1.17 -27.92
CA ALA B 172 -21.99 0.17 -27.98
C ALA B 172 -23.30 0.87 -28.20
N PHE B 173 -24.33 0.18 -28.65
CA PHE B 173 -25.65 0.71 -28.75
C PHE B 173 -26.56 0.13 -27.70
N VAL B 174 -27.32 1.03 -27.11
CA VAL B 174 -28.31 0.68 -26.06
C VAL B 174 -29.71 1.00 -26.61
N PRO B 175 -30.62 -0.01 -26.64
CA PRO B 175 -31.96 0.31 -27.08
C PRO B 175 -32.56 1.44 -26.24
N GLY B 176 -33.46 2.21 -26.81
CA GLY B 176 -34.09 3.24 -26.01
C GLY B 176 -34.96 2.68 -24.91
N PHE B 177 -35.02 3.53 -23.89
CA PHE B 177 -35.90 3.19 -22.73
C PHE B 177 -36.28 4.55 -22.17
N ASN B 178 -37.16 4.54 -21.17
CA ASN B 178 -37.60 5.75 -20.60
C ASN B 178 -36.63 6.26 -19.55
N ILE B 179 -35.93 7.28 -20.00
CA ILE B 179 -34.86 7.90 -19.13
C ILE B 179 -35.49 8.41 -17.83
N GLU B 180 -36.77 8.81 -17.86
CA GLU B 180 -37.36 9.27 -16.58
C GLU B 180 -37.31 8.19 -15.54
N GLU B 181 -37.21 6.90 -15.91
CA GLU B 181 -37.09 5.83 -14.92
C GLU B 181 -35.81 5.89 -14.13
N LEU B 182 -34.85 6.71 -14.59
CA LEU B 182 -33.56 6.84 -13.87
C LEU B 182 -33.74 7.89 -12.77
N LEU B 183 -34.79 8.72 -12.80
CA LEU B 183 -35.00 9.80 -11.79
C LEU B 183 -35.70 9.24 -10.59
N PRO B 184 -35.50 9.92 -9.43
CA PRO B 184 -36.08 9.43 -8.17
C PRO B 184 -37.50 9.87 -8.06
N GLU B 185 -38.01 9.49 -6.89
CA GLU B 185 -39.31 9.90 -6.45
C GLU B 185 -39.31 11.40 -6.14
N ARG B 186 -40.44 12.03 -6.49
CA ARG B 186 -40.74 13.42 -6.03
C ARG B 186 -39.70 14.36 -6.67
N THR B 187 -39.58 14.25 -8.00
CA THR B 187 -38.70 15.18 -8.67
C THR B 187 -38.97 16.64 -8.46
N ALA B 188 -40.15 16.99 -7.94
CA ALA B 188 -40.39 18.36 -7.63
C ALA B 188 -39.52 18.90 -6.50
N GLU B 189 -38.92 18.01 -5.70
CA GLU B 189 -38.05 18.44 -4.63
C GLU B 189 -36.59 18.33 -5.07
N TYR B 190 -35.94 19.45 -5.19
CA TYR B 190 -34.55 19.52 -5.68
C TYR B 190 -33.83 20.67 -5.08
N TYR B 191 -32.49 20.60 -5.18
CA TYR B 191 -31.56 21.67 -4.93
C TYR B 191 -31.14 22.31 -6.22
N ARG B 192 -30.97 23.61 -6.23
CA ARG B 192 -30.59 24.36 -7.39
C ARG B 192 -29.47 25.29 -7.09
N TYR B 193 -28.43 25.31 -7.85
CA TYR B 193 -27.34 26.28 -7.67
C TYR B 193 -26.56 26.49 -8.93
N ARG B 194 -25.81 27.60 -8.98
CA ARG B 194 -24.95 27.91 -10.12
C ARG B 194 -23.58 27.36 -9.84
N GLY B 195 -23.10 26.54 -10.80
CA GLY B 195 -21.77 25.89 -10.60
C GLY B 195 -21.13 25.65 -11.95
N SER B 196 -20.42 24.52 -12.01
CA SER B 196 -19.45 24.34 -13.10
C SER B 196 -19.54 22.90 -13.55
N LEU B 197 -18.88 22.61 -14.66
CA LEU B 197 -18.50 21.20 -14.95
C LEU B 197 -17.66 20.65 -13.82
N THR B 198 -17.90 19.36 -13.45
CA THR B 198 -17.08 18.78 -12.39
C THR B 198 -15.81 18.11 -12.92
N THR B 199 -15.65 18.16 -14.30
CA THR B 199 -14.47 17.64 -14.96
C THR B 199 -13.86 18.79 -15.71
N PRO B 200 -12.54 18.68 -15.99
CA PRO B 200 -11.95 19.62 -16.95
C PRO B 200 -12.84 19.70 -18.23
N PRO B 201 -12.99 20.89 -18.78
N PRO B 201 -12.89 20.91 -18.82
CA PRO B 201 -12.31 22.15 -18.46
CA PRO B 201 -12.23 22.17 -18.41
C PRO B 201 -13.00 23.00 -17.36
C PRO B 201 -12.85 22.89 -17.23
N CYS B 202 -13.92 22.40 -16.59
CA CYS B 202 -14.50 23.00 -15.32
C CYS B 202 -15.18 24.37 -15.59
N ASN B 203 -15.74 24.54 -16.79
N ASN B 203 -15.73 24.55 -16.79
CA ASN B 203 -16.38 25.82 -17.17
CA ASN B 203 -16.36 25.84 -17.12
C ASN B 203 -17.48 26.15 -16.19
C ASN B 203 -17.41 26.15 -16.07
N PRO B 204 -17.50 27.41 -15.62
CA PRO B 204 -18.50 27.79 -14.57
C PRO B 204 -19.85 28.17 -15.23
N THR B 205 -20.41 27.27 -16.00
CA THR B 205 -21.50 27.58 -16.89
C THR B 205 -22.68 26.65 -16.74
N VAL B 206 -22.77 25.99 -15.57
CA VAL B 206 -23.82 24.98 -15.35
C VAL B 206 -24.87 25.42 -14.31
N LEU B 207 -26.09 25.35 -14.70
CA LEU B 207 -27.21 25.42 -13.74
C LEU B 207 -27.45 23.95 -13.25
N TRP B 208 -27.15 23.74 -11.97
CA TRP B 208 -27.27 22.40 -11.36
C TRP B 208 -28.63 22.22 -10.75
N THR B 209 -29.24 21.07 -10.97
CA THR B 209 -30.43 20.61 -10.26
C THR B 209 -30.05 19.29 -9.67
N VAL B 210 -30.00 19.17 -8.35
CA VAL B 210 -29.72 17.87 -7.69
C VAL B 210 -31.00 17.44 -7.05
N PHE B 211 -31.55 16.34 -7.44
CA PHE B 211 -32.82 15.89 -6.78
C PHE B 211 -32.63 15.53 -5.34
N ARG B 212 -33.63 15.88 -4.51
CA ARG B 212 -33.49 15.62 -3.10
C ARG B 212 -33.41 14.13 -2.74
N ASN B 213 -34.15 13.30 -3.47
CA ASN B 213 -34.26 11.90 -3.08
C ASN B 213 -33.30 11.06 -3.93
N PRO B 214 -32.58 10.10 -3.35
CA PRO B 214 -31.76 9.21 -4.11
C PRO B 214 -32.57 8.12 -4.79
N VAL B 215 -31.96 7.48 -5.75
CA VAL B 215 -32.42 6.18 -6.23
C VAL B 215 -31.59 5.09 -5.68
N GLN B 216 -32.02 3.85 -5.79
CA GLN B 216 -31.20 2.67 -5.39
C GLN B 216 -30.78 1.85 -6.55
N ILE B 217 -29.55 1.34 -6.50
CA ILE B 217 -29.13 0.25 -7.38
C ILE B 217 -28.47 -0.78 -6.42
N SER B 218 -28.32 -2.03 -6.88
CA SER B 218 -27.78 -3.01 -5.90
C SER B 218 -26.32 -3.01 -5.77
N GLN B 219 -25.77 -3.66 -4.74
CA GLN B 219 -24.36 -3.94 -4.60
C GLN B 219 -23.78 -4.59 -5.85
N GLU B 220 -24.53 -5.49 -6.43
CA GLU B 220 -23.96 -6.24 -7.60
C GLU B 220 -23.91 -5.28 -8.80
N GLN B 221 -24.86 -4.38 -8.93
CA GLN B 221 -24.80 -3.42 -10.05
C GLN B 221 -23.69 -2.44 -9.80
N LEU B 222 -23.46 -2.00 -8.56
CA LEU B 222 -22.32 -1.11 -8.26
C LEU B 222 -21.02 -1.89 -8.57
N LEU B 223 -20.92 -3.14 -8.18
CA LEU B 223 -19.68 -3.87 -8.41
C LEU B 223 -19.41 -4.03 -9.87
N ALA B 224 -20.43 -4.29 -10.65
CA ALA B 224 -20.22 -4.33 -12.14
C ALA B 224 -19.71 -2.98 -12.60
N LEU B 225 -20.34 -1.85 -12.24
CA LEU B 225 -19.92 -0.54 -12.67
C LEU B 225 -18.50 -0.25 -12.24
N GLU B 226 -18.12 -0.70 -11.04
CA GLU B 226 -16.79 -0.40 -10.50
C GLU B 226 -15.69 -1.34 -11.02
N THR B 227 -16.04 -2.43 -11.64
CA THR B 227 -15.00 -3.40 -12.11
C THR B 227 -14.96 -3.56 -13.62
N ALA B 228 -15.94 -3.04 -14.36
CA ALA B 228 -16.00 -3.42 -15.79
C ALA B 228 -15.04 -2.50 -16.59
N LEU B 229 -14.77 -1.31 -16.16
CA LEU B 229 -14.27 -0.29 -17.05
C LEU B 229 -12.89 0.16 -16.75
N TYR B 230 -12.17 0.52 -17.84
CA TYR B 230 -10.80 1.04 -17.85
C TYR B 230 -10.75 2.44 -18.44
N CYS B 231 -9.91 3.29 -17.89
CA CYS B 231 -9.68 4.60 -18.46
C CYS B 231 -8.87 4.55 -19.75
N THR B 232 -8.19 3.43 -19.92
CA THR B 232 -7.16 3.33 -20.99
C THR B 232 -7.70 2.53 -22.17
N HIS B 233 -7.02 2.65 -23.31
CA HIS B 233 -7.34 1.85 -24.48
C HIS B 233 -7.03 0.38 -24.29
N MET B 234 -7.72 -0.47 -25.08
CA MET B 234 -7.63 -1.93 -25.03
C MET B 234 -6.14 -2.37 -25.12
N ASP B 235 -5.33 -1.65 -25.89
CA ASP B 235 -3.93 -2.11 -26.09
C ASP B 235 -2.99 -1.37 -25.23
N ASP B 236 -3.37 -0.68 -24.16
CA ASP B 236 -2.46 0.14 -23.42
C ASP B 236 -1.62 -0.78 -22.49
N PRO B 237 -0.28 -0.69 -22.50
CA PRO B 237 0.52 -1.55 -21.62
C PRO B 237 0.57 -1.08 -20.15
N SER B 238 -0.05 0.08 -19.79
N SER B 238 -0.07 0.09 -19.87
CA SER B 238 -0.21 0.48 -18.36
CA SER B 238 -0.24 0.63 -18.52
C SER B 238 -1.66 0.78 -18.06
C SER B 238 -1.75 0.83 -18.25
N PRO B 239 -2.47 -0.27 -18.05
CA PRO B 239 -3.95 -0.09 -17.83
C PRO B 239 -4.23 0.61 -16.52
N ARG B 240 -5.33 1.40 -16.57
CA ARG B 240 -5.80 2.07 -15.33
C ARG B 240 -7.26 1.79 -15.19
N GLU B 241 -7.70 1.24 -14.08
CA GLU B 241 -9.11 0.98 -13.81
C GLU B 241 -9.89 2.32 -13.70
N MET B 242 -11.12 2.31 -14.24
CA MET B 242 -11.98 3.53 -14.09
C MET B 242 -12.78 3.36 -12.76
N ILE B 243 -12.14 3.93 -11.73
CA ILE B 243 -12.66 3.90 -10.37
C ILE B 243 -12.45 5.24 -9.78
N ASN B 244 -13.25 5.52 -8.75
CA ASN B 244 -13.06 6.79 -7.99
C ASN B 244 -13.01 8.01 -8.86
N ASN B 245 -13.97 8.03 -9.85
CA ASN B 245 -13.99 9.09 -10.84
C ASN B 245 -14.97 10.18 -10.39
N PHE B 246 -14.73 10.71 -9.24
CA PHE B 246 -15.52 11.83 -8.67
C PHE B 246 -14.53 12.84 -8.14
N ARG B 247 -14.96 14.08 -8.25
CA ARG B 247 -14.13 15.24 -7.74
C ARG B 247 -14.53 15.48 -6.27
N GLN B 248 -13.58 15.91 -5.45
CA GLN B 248 -13.92 16.37 -4.10
C GLN B 248 -14.82 17.58 -4.14
N VAL B 249 -15.56 17.76 -3.06
CA VAL B 249 -16.42 18.96 -2.99
C VAL B 249 -15.55 20.25 -2.88
N GLN B 250 -16.14 21.30 -3.35
CA GLN B 250 -15.45 22.62 -3.50
C GLN B 250 -15.87 23.58 -2.45
N LYS B 251 -15.01 24.59 -2.22
CA LYS B 251 -15.47 25.68 -1.35
C LYS B 251 -16.75 26.34 -1.99
N PHE B 252 -17.61 26.91 -1.11
N PHE B 252 -17.45 27.09 -1.14
CA PHE B 252 -18.84 27.58 -1.56
CA PHE B 252 -18.71 27.75 -1.50
C PHE B 252 -18.77 28.98 -2.23
C PHE B 252 -18.61 29.13 -2.15
N ASP B 253 -17.63 29.66 -2.11
N ASP B 253 -17.47 29.80 -2.01
CA ASP B 253 -17.42 30.98 -2.72
CA ASP B 253 -17.26 31.12 -2.62
C ASP B 253 -18.59 31.95 -2.51
C ASP B 253 -18.40 32.12 -2.38
N GLU B 254 -19.15 31.93 -1.30
CA GLU B 254 -20.30 32.81 -0.91
C GLU B 254 -21.68 32.39 -1.55
N ARG B 255 -21.70 31.34 -2.38
CA ARG B 255 -22.95 30.93 -2.95
C ARG B 255 -23.97 30.30 -1.83
N LEU B 256 -25.28 30.50 -2.04
CA LEU B 256 -26.30 29.67 -1.44
C LEU B 256 -26.78 28.60 -2.47
N VAL B 257 -27.39 27.57 -1.92
CA VAL B 257 -28.10 26.55 -2.70
C VAL B 257 -29.56 26.75 -2.40
N TYR B 258 -30.41 26.88 -3.40
CA TYR B 258 -31.84 27.11 -3.26
C TYR B 258 -32.57 25.84 -3.31
N THR B 259 -33.56 25.66 -2.47
CA THR B 259 -34.25 24.44 -2.43
C THR B 259 -35.73 24.61 -2.86
N SER B 260 -36.32 23.64 -3.52
CA SER B 260 -37.74 23.74 -3.91
C SER B 260 -38.60 23.22 -2.79
N PHE B 261 -38.04 22.72 -1.72
CA PHE B 261 -38.76 22.12 -0.58
C PHE B 261 -38.31 22.94 0.64
N SER B 262 -39.30 23.16 1.54
CA SER B 262 -38.99 24.05 2.65
C SER B 262 -38.63 23.23 3.89
N GLN B 263 -38.98 21.95 3.91
CA GLN B 263 -38.59 21.03 4.97
C GLN B 263 -38.63 19.63 4.40
N SER C 2 32.21 -3.58 -2.94
N SER C 2 30.19 -4.13 0.83
CA SER C 2 31.07 -4.30 -3.59
CA SER C 2 29.14 -3.37 1.56
C SER C 2 29.76 -4.16 -2.79
C SER C 2 28.20 -2.51 0.71
N LYS C 3 29.02 -3.11 -3.12
N LYS C 3 28.20 -2.64 -0.63
CA LYS C 3 27.68 -2.92 -2.58
CA LYS C 3 27.09 -2.11 -1.43
C LYS C 3 26.81 -4.19 -2.58
C LYS C 3 25.95 -3.11 -1.70
N TRP C 4 26.17 -4.42 -1.42
CA TRP C 4 25.09 -5.45 -1.40
C TRP C 4 23.95 -5.00 -0.50
N THR C 5 22.76 -5.46 -0.81
CA THR C 5 21.59 -5.08 0.00
C THR C 5 20.67 -6.29 0.15
N TYR C 6 19.47 -6.07 0.76
CA TYR C 6 18.40 -7.06 0.86
C TYR C 6 17.20 -6.80 -0.14
N PHE C 7 17.40 -5.99 -1.19
CA PHE C 7 16.32 -5.80 -2.23
C PHE C 7 16.86 -5.36 -3.60
N GLY C 8 16.07 -4.58 -4.37
CA GLY C 8 16.44 -3.90 -5.68
C GLY C 8 17.25 -4.88 -6.46
N PRO C 9 18.29 -4.40 -7.13
CA PRO C 9 19.16 -5.22 -7.97
C PRO C 9 20.39 -5.70 -7.25
N ASP C 10 20.66 -5.20 -6.05
CA ASP C 10 21.87 -5.66 -5.34
C ASP C 10 21.54 -6.58 -4.18
N GLY C 11 20.33 -7.12 -4.28
CA GLY C 11 19.75 -8.04 -3.21
C GLY C 11 20.28 -9.46 -3.39
N GLU C 12 19.71 -10.32 -2.51
CA GLU C 12 20.35 -11.60 -2.28
C GLU C 12 20.49 -12.48 -3.52
N ASN C 13 19.56 -12.42 -4.49
CA ASN C 13 19.75 -13.27 -5.65
C ASN C 13 20.94 -12.83 -6.53
N SER C 14 21.37 -11.58 -6.34
N SER C 14 21.43 -11.61 -6.36
CA SER C 14 22.51 -11.00 -7.08
CA SER C 14 22.62 -11.19 -7.13
C SER C 14 23.83 -11.18 -6.35
C SER C 14 23.87 -11.13 -6.30
N TRP C 15 23.83 -11.57 -5.07
CA TRP C 15 25.07 -11.58 -4.29
C TRP C 15 26.16 -12.46 -4.94
N SER C 16 25.76 -13.53 -5.63
CA SER C 16 26.72 -14.47 -6.17
C SER C 16 27.53 -13.82 -7.31
N LYS C 17 27.04 -12.68 -7.84
N LYS C 17 27.09 -12.72 -7.89
CA LYS C 17 27.81 -11.98 -8.93
CA LYS C 17 27.98 -12.16 -8.94
C LYS C 17 29.17 -11.54 -8.43
C LYS C 17 29.33 -11.74 -8.29
N LYS C 18 29.26 -10.91 -7.26
CA LYS C 18 30.49 -10.45 -6.65
C LYS C 18 31.04 -11.36 -5.60
N TYR C 19 30.22 -12.26 -5.03
CA TYR C 19 30.60 -13.12 -3.93
C TYR C 19 30.28 -14.55 -4.35
N PRO C 20 31.18 -15.27 -5.03
CA PRO C 20 30.75 -16.47 -5.67
C PRO C 20 30.29 -17.53 -4.65
N SER C 21 30.78 -17.51 -3.42
CA SER C 21 30.34 -18.54 -2.47
C SER C 21 28.85 -18.43 -2.18
N CYS C 22 28.21 -17.30 -2.48
CA CYS C 22 26.74 -17.21 -2.24
C CYS C 22 25.95 -18.11 -3.16
N GLY C 23 26.53 -18.61 -4.26
CA GLY C 23 25.93 -19.62 -5.11
C GLY C 23 26.52 -20.99 -4.95
N GLY C 24 27.33 -21.23 -3.91
CA GLY C 24 28.00 -22.47 -3.70
C GLY C 24 27.34 -23.40 -2.72
N LEU C 25 28.10 -24.28 -2.20
CA LEU C 25 27.61 -25.31 -1.29
C LEU C 25 27.42 -24.73 0.12
N LEU C 26 26.68 -25.51 0.91
CA LEU C 26 26.59 -25.40 2.38
C LEU C 26 25.97 -24.04 2.77
N GLN C 27 25.07 -23.50 2.00
CA GLN C 27 24.48 -22.20 2.30
C GLN C 27 23.49 -22.22 3.41
N SER C 28 23.53 -21.16 4.20
CA SER C 28 22.61 -20.89 5.33
C SER C 28 21.82 -19.66 5.02
N PRO C 29 20.69 -19.42 5.66
CA PRO C 29 20.05 -20.24 6.67
C PRO C 29 19.18 -21.30 6.02
N ILE C 30 18.59 -22.14 6.89
CA ILE C 30 17.77 -23.29 6.45
C ILE C 30 16.55 -23.42 7.36
N ASP C 31 15.59 -24.16 6.87
CA ASP C 31 14.45 -24.57 7.67
C ASP C 31 14.78 -25.78 8.48
N LEU C 32 14.45 -25.71 9.75
CA LEU C 32 14.70 -26.80 10.72
C LEU C 32 13.39 -27.52 10.94
N HIS C 33 13.30 -28.75 10.49
CA HIS C 33 12.01 -29.48 10.56
C HIS C 33 12.29 -30.92 10.86
N SER C 34 11.25 -31.64 11.37
CA SER C 34 11.49 -32.99 11.98
C SER C 34 12.12 -33.99 11.16
N ASP C 35 11.79 -34.01 9.86
CA ASP C 35 12.22 -35.11 8.96
C ASP C 35 13.69 -35.10 8.72
N ILE C 36 14.36 -33.98 9.04
CA ILE C 36 15.80 -33.88 8.79
C ILE C 36 16.62 -33.79 10.08
N LEU C 37 15.96 -33.94 11.19
CA LEU C 37 16.68 -33.88 12.49
C LEU C 37 17.15 -35.25 12.92
N GLN C 38 18.32 -35.31 13.52
CA GLN C 38 18.83 -36.59 14.11
C GLN C 38 19.51 -36.24 15.41
N TYR C 39 19.14 -36.95 16.50
CA TYR C 39 19.87 -36.81 17.71
C TYR C 39 21.30 -37.26 17.56
N ASP C 40 22.23 -36.52 18.18
CA ASP C 40 23.69 -36.80 18.13
C ASP C 40 24.23 -36.61 19.55
N ALA C 41 24.71 -37.73 20.11
CA ALA C 41 25.21 -37.73 21.50
C ALA C 41 26.44 -36.96 21.70
N SER C 42 27.12 -36.54 20.62
CA SER C 42 28.35 -35.74 20.76
C SER C 42 28.01 -34.28 21.17
N LEU C 43 26.71 -33.91 21.00
CA LEU C 43 26.31 -32.50 21.21
C LEU C 43 26.09 -32.19 22.68
N THR C 44 27.23 -32.13 23.39
CA THR C 44 27.22 -31.86 24.82
C THR C 44 27.00 -30.36 25.09
N PRO C 45 26.75 -29.92 26.33
CA PRO C 45 26.51 -28.51 26.59
C PRO C 45 27.72 -27.65 26.33
N LEU C 46 27.56 -26.51 25.63
CA LEU C 46 28.65 -25.57 25.43
C LEU C 46 28.82 -24.77 26.76
N GLU C 47 30.04 -24.30 26.92
CA GLU C 47 30.33 -23.30 28.00
C GLU C 47 30.69 -21.97 27.40
N PHE C 48 30.15 -20.91 28.00
CA PHE C 48 30.32 -19.57 27.53
C PHE C 48 31.27 -18.87 28.48
N GLN C 49 32.50 -18.64 28.05
CA GLN C 49 33.61 -18.09 28.94
C GLN C 49 33.89 -16.68 28.62
N GLY C 50 34.07 -15.82 29.67
CA GLY C 50 34.42 -14.46 29.44
C GLY C 50 33.25 -13.65 28.87
N TYR C 51 32.03 -14.13 29.00
CA TYR C 51 30.85 -13.43 28.42
C TYR C 51 30.38 -12.28 29.33
N ASN C 52 30.85 -12.30 30.61
CA ASN C 52 30.35 -11.28 31.56
C ASN C 52 31.28 -10.07 31.43
N LEU C 53 30.92 -9.20 30.47
CA LEU C 53 31.75 -8.03 30.16
C LEU C 53 31.37 -6.95 31.24
N SER C 54 32.40 -6.33 31.73
CA SER C 54 32.26 -5.24 32.76
C SER C 54 31.46 -4.06 32.26
N ALA C 55 30.63 -3.50 33.13
CA ALA C 55 29.74 -2.31 32.82
C ALA C 55 30.56 -1.04 32.57
N ASN C 56 31.80 -1.03 33.11
CA ASN C 56 32.64 0.15 32.96
C ASN C 56 33.55 0.05 31.70
N LYS C 57 33.47 -1.11 31.00
CA LYS C 57 34.04 -1.24 29.63
C LYS C 57 33.00 -0.88 28.63
N GLN C 58 33.48 -0.55 27.40
CA GLN C 58 32.59 -0.28 26.34
C GLN C 58 33.08 -0.99 25.07
N PHE C 59 32.08 -1.16 24.25
CA PHE C 59 32.16 -1.99 23.06
C PHE C 59 31.49 -1.23 21.99
N LEU C 60 32.12 -1.25 20.81
CA LEU C 60 31.72 -0.42 19.72
C LEU C 60 30.47 -0.99 19.06
N LEU C 61 29.39 -0.25 18.98
CA LEU C 61 28.21 -0.54 18.21
C LEU C 61 28.27 0.17 16.89
N THR C 62 27.99 -0.46 15.76
CA THR C 62 28.14 0.07 14.40
C THR C 62 26.90 -0.23 13.63
N ASN C 63 26.39 0.74 12.90
CA ASN C 63 25.50 0.52 11.83
C ASN C 63 26.34 0.37 10.62
N ASN C 64 26.47 -0.86 10.15
CA ASN C 64 27.23 -1.06 8.94
C ASN C 64 26.43 -1.00 7.66
N GLY C 65 25.20 -0.51 7.69
CA GLY C 65 24.36 -0.49 6.52
C GLY C 65 23.64 -1.78 6.22
N HIS C 66 23.96 -2.85 6.98
CA HIS C 66 23.30 -4.15 6.76
C HIS C 66 22.65 -4.63 8.04
N SER C 67 23.19 -4.27 9.18
CA SER C 67 22.68 -4.66 10.47
C SER C 67 23.26 -3.65 11.48
N VAL C 68 22.93 -3.90 12.73
CA VAL C 68 23.60 -3.25 13.83
C VAL C 68 24.46 -4.31 14.50
N LYS C 69 25.74 -3.99 14.68
CA LYS C 69 26.69 -4.99 15.22
C LYS C 69 27.40 -4.40 16.41
N LEU C 70 27.66 -5.23 17.40
CA LEU C 70 28.43 -4.91 18.55
C LEU C 70 29.71 -5.67 18.52
N ASN C 71 30.86 -5.01 18.53
CA ASN C 71 32.15 -5.70 18.57
C ASN C 71 32.31 -6.34 19.94
N LEU C 72 32.91 -7.54 19.97
CA LEU C 72 33.11 -8.30 21.19
C LEU C 72 34.57 -8.68 21.33
N PRO C 73 35.09 -8.81 22.53
CA PRO C 73 36.48 -9.03 22.75
C PRO C 73 36.92 -10.50 22.61
N SER C 74 38.12 -10.72 22.08
CA SER C 74 38.55 -12.10 21.80
C SER C 74 38.78 -12.95 23.02
N ASP C 75 38.96 -12.36 24.19
N ASP C 75 38.62 -12.37 24.22
CA ASP C 75 39.10 -13.23 25.31
CA ASP C 75 38.72 -13.09 25.52
C ASP C 75 37.73 -13.98 25.57
C ASP C 75 37.46 -13.84 25.85
N MET C 76 36.54 -13.55 25.05
CA MET C 76 35.26 -14.19 25.20
C MET C 76 35.18 -15.42 24.26
N HIS C 77 34.87 -16.59 24.77
CA HIS C 77 34.97 -17.80 23.87
C HIS C 77 34.03 -18.83 24.25
N ILE C 78 33.80 -19.70 23.26
CA ILE C 78 33.04 -20.91 23.51
C ILE C 78 34.00 -22.07 23.80
N GLN C 79 33.66 -22.81 24.87
CA GLN C 79 34.38 -23.99 25.25
C GLN C 79 33.39 -25.15 25.01
N GLY C 80 33.93 -26.23 24.44
CA GLY C 80 33.12 -27.44 24.24
C GLY C 80 33.20 -27.92 22.82
N LEU C 81 33.70 -27.09 21.91
CA LEU C 81 33.82 -27.44 20.49
C LEU C 81 35.19 -28.07 20.21
N GLN C 82 35.46 -28.46 18.96
CA GLN C 82 36.74 -29.15 18.69
C GLN C 82 37.95 -28.23 18.76
N SER C 83 37.74 -26.91 18.61
CA SER C 83 38.75 -25.84 18.70
C SER C 83 38.10 -24.82 19.59
N ARG C 84 38.91 -23.90 20.16
CA ARG C 84 38.36 -22.68 20.77
C ARG C 84 37.92 -21.76 19.67
N TYR C 85 36.70 -21.23 19.88
CA TYR C 85 36.17 -20.18 19.05
C TYR C 85 36.00 -18.96 19.91
N SER C 86 36.71 -17.89 19.51
CA SER C 86 36.71 -16.61 20.21
C SER C 86 35.75 -15.61 19.56
N ALA C 87 35.08 -14.84 20.41
CA ALA C 87 34.10 -13.90 19.92
C ALA C 87 34.68 -12.79 19.06
N THR C 88 33.89 -12.30 18.10
CA THR C 88 34.30 -11.13 17.26
C THR C 88 33.21 -10.08 17.27
N GLN C 89 31.92 -10.45 17.13
CA GLN C 89 30.85 -9.44 17.07
C GLN C 89 29.54 -10.17 17.24
N LEU C 90 28.51 -9.43 17.64
CA LEU C 90 27.18 -9.90 17.51
C LEU C 90 26.37 -9.00 16.68
N HIS C 91 25.25 -9.47 16.14
CA HIS C 91 24.36 -8.63 15.34
C HIS C 91 22.98 -9.27 15.21
N LEU C 92 22.04 -8.54 14.61
CA LEU C 92 20.68 -9.03 14.47
C LEU C 92 20.15 -8.99 13.07
N HIS C 93 19.07 -9.76 12.91
CA HIS C 93 18.27 -9.78 11.68
C HIS C 93 16.79 -9.67 12.07
N TRP C 94 16.04 -8.89 11.26
CA TRP C 94 14.64 -8.65 11.61
C TRP C 94 13.85 -8.43 10.31
N GLY C 95 12.55 -8.27 10.52
CA GLY C 95 11.60 -8.03 9.42
C GLY C 95 11.16 -6.56 9.31
N ASN C 96 9.84 -6.38 9.37
CA ASN C 96 9.35 -4.97 9.30
C ASN C 96 8.06 -4.93 10.06
N PRO C 97 7.53 -3.73 10.34
CA PRO C 97 6.32 -3.76 11.21
C PRO C 97 5.05 -4.29 10.58
N ASN C 98 4.97 -4.28 9.28
CA ASN C 98 3.85 -4.98 8.58
C ASN C 98 3.99 -6.49 8.47
N ASP C 99 5.18 -7.05 8.68
CA ASP C 99 5.37 -8.53 8.51
C ASP C 99 6.56 -8.79 9.48
N PRO C 100 6.24 -8.86 10.77
CA PRO C 100 7.32 -8.81 11.81
C PRO C 100 7.79 -10.24 12.07
N HIS C 101 8.36 -10.81 10.99
CA HIS C 101 8.78 -12.25 11.04
C HIS C 101 10.07 -12.35 10.26
N GLY C 102 11.17 -11.84 10.82
CA GLY C 102 12.42 -11.74 10.10
C GLY C 102 13.59 -12.46 10.73
N SER C 103 13.34 -13.58 11.40
CA SER C 103 14.48 -14.50 11.64
C SER C 103 15.03 -15.04 10.36
N GLU C 104 16.25 -15.59 10.41
CA GLU C 104 16.88 -16.25 9.25
C GLU C 104 16.51 -17.70 9.21
N HIS C 105 16.85 -18.44 10.26
CA HIS C 105 16.38 -19.83 10.35
C HIS C 105 14.88 -19.86 10.57
N THR C 106 14.24 -20.90 10.08
CA THR C 106 12.84 -21.12 10.38
C THR C 106 12.74 -22.46 11.04
N VAL C 107 11.63 -22.65 11.77
CA VAL C 107 11.37 -23.94 12.38
C VAL C 107 9.98 -24.48 11.86
N SER C 108 9.96 -25.62 11.19
CA SER C 108 8.69 -26.15 10.65
C SER C 108 8.05 -25.10 9.75
N GLY C 109 8.89 -24.45 8.95
CA GLY C 109 8.42 -23.49 8.02
C GLY C 109 8.20 -22.08 8.57
N GLN C 110 8.27 -21.86 9.89
CA GLN C 110 7.86 -20.62 10.47
C GLN C 110 9.06 -19.72 10.85
N HIS C 111 8.96 -18.44 10.49
CA HIS C 111 9.94 -17.50 10.98
C HIS C 111 9.65 -17.10 12.39
N PHE C 112 10.66 -16.80 13.13
CA PHE C 112 10.51 -16.03 14.39
C PHE C 112 10.60 -14.55 14.07
N ALA C 113 10.30 -13.66 15.07
CA ALA C 113 10.35 -12.25 14.84
C ALA C 113 11.67 -11.71 14.39
N ALA C 114 12.75 -12.26 14.98
CA ALA C 114 14.09 -11.74 14.74
C ALA C 114 15.07 -12.81 15.19
N GLU C 115 16.36 -12.61 14.88
CA GLU C 115 17.34 -13.60 15.26
C GLU C 115 18.63 -12.87 15.62
N LEU C 116 19.29 -13.30 16.71
CA LEU C 116 20.57 -12.74 17.11
C LEU C 116 21.68 -13.75 16.74
N HIS C 117 22.78 -13.23 16.17
CA HIS C 117 23.94 -14.08 15.84
C HIS C 117 25.10 -13.60 16.68
N ILE C 118 25.72 -14.47 17.40
CA ILE C 118 26.98 -14.14 18.10
C ILE C 118 28.12 -14.84 17.44
N VAL C 119 28.94 -14.14 16.69
CA VAL C 119 29.91 -14.66 15.70
C VAL C 119 31.20 -14.85 16.40
N HIS C 120 31.78 -16.05 16.25
CA HIS C 120 33.10 -16.40 16.83
C HIS C 120 34.02 -16.88 15.70
N TYR C 121 35.32 -16.81 15.91
CA TYR C 121 36.29 -17.34 14.90
C TYR C 121 37.20 -18.33 15.60
N ASN C 122 37.75 -19.23 14.77
CA ASN C 122 38.64 -20.24 15.33
C ASN C 122 40.03 -19.68 15.60
N SER C 123 40.20 -19.38 16.85
CA SER C 123 41.45 -18.69 17.23
C SER C 123 42.57 -19.69 17.49
N ASP C 124 42.30 -20.98 17.50
CA ASP C 124 43.39 -21.97 17.59
C ASP C 124 44.02 -22.05 16.22
N LEU C 125 43.29 -21.85 15.15
CA LEU C 125 43.83 -21.96 13.81
C LEU C 125 44.21 -20.65 13.22
N TYR C 126 43.54 -19.56 13.60
CA TYR C 126 43.64 -18.32 12.84
C TYR C 126 43.83 -17.13 13.78
N PRO C 127 44.49 -16.01 13.31
CA PRO C 127 44.82 -14.96 14.25
C PRO C 127 43.71 -13.95 14.46
N ASP C 128 42.70 -13.95 13.60
CA ASP C 128 41.64 -12.95 13.71
C ASP C 128 40.44 -13.42 12.87
N ALA C 129 39.32 -12.71 13.01
CA ALA C 129 38.11 -13.17 12.36
C ALA C 129 38.16 -12.97 10.83
N SER C 130 38.77 -11.87 10.41
N SER C 130 38.74 -11.89 10.35
CA SER C 130 38.99 -11.59 8.97
CA SER C 130 38.81 -11.72 8.88
C SER C 130 39.62 -12.77 8.29
C SER C 130 39.66 -12.80 8.18
N THR C 131 40.80 -13.16 8.77
CA THR C 131 41.62 -14.22 8.23
C THR C 131 40.85 -15.55 8.35
N ALA C 132 40.16 -15.77 9.48
CA ALA C 132 39.42 -17.04 9.62
C ALA C 132 38.21 -17.20 8.65
N SER C 133 37.61 -16.08 8.25
CA SER C 133 36.22 -16.11 7.70
C SER C 133 36.14 -16.91 6.44
N ASN C 134 37.18 -16.98 5.65
CA ASN C 134 37.13 -17.70 4.40
C ASN C 134 37.94 -18.97 4.42
N LYS C 135 38.19 -19.51 5.61
CA LYS C 135 39.06 -20.64 5.75
C LYS C 135 38.42 -21.78 6.47
N SER C 136 38.99 -22.99 6.33
CA SER C 136 38.41 -24.19 6.86
C SER C 136 38.19 -24.02 8.37
N GLU C 137 37.01 -24.44 8.82
CA GLU C 137 36.62 -24.44 10.22
C GLU C 137 36.79 -23.08 10.82
N GLY C 138 36.58 -22.02 10.06
CA GLY C 138 36.98 -20.69 10.51
C GLY C 138 36.02 -20.05 11.49
N LEU C 139 34.69 -20.36 11.40
CA LEU C 139 33.73 -19.57 12.21
C LEU C 139 32.76 -20.48 12.92
N ALA C 140 32.17 -19.97 14.02
CA ALA C 140 31.10 -20.67 14.72
C ALA C 140 30.14 -19.56 15.16
N VAL C 141 28.84 -19.77 14.96
CA VAL C 141 27.80 -18.78 15.33
C VAL C 141 26.87 -19.42 16.31
N LEU C 142 26.52 -18.65 17.32
CA LEU C 142 25.43 -19.00 18.20
C LEU C 142 24.24 -18.21 17.74
N ALA C 143 23.12 -18.89 17.42
CA ALA C 143 21.95 -18.13 16.96
C ALA C 143 20.85 -18.32 17.98
N VAL C 144 20.22 -17.18 18.25
CA VAL C 144 19.05 -17.12 19.22
C VAL C 144 17.83 -16.63 18.48
N LEU C 145 16.80 -17.46 18.51
CA LEU C 145 15.52 -17.06 17.91
C LEU C 145 14.79 -16.10 18.87
N ILE C 146 14.20 -15.08 18.31
CA ILE C 146 13.53 -13.99 19.15
C ILE C 146 12.07 -13.98 18.74
N GLU C 147 11.19 -14.01 19.77
CA GLU C 147 9.75 -13.77 19.55
C GLU C 147 9.23 -12.66 20.45
N MET C 148 8.07 -12.14 20.04
CA MET C 148 7.40 -11.10 20.85
C MET C 148 6.88 -11.71 22.16
N GLY C 149 7.14 -11.01 23.27
CA GLY C 149 6.56 -11.45 24.58
C GLY C 149 6.86 -10.37 25.62
N SER C 150 7.42 -10.81 26.73
CA SER C 150 7.84 -9.98 27.84
C SER C 150 8.97 -9.06 27.48
N PHE C 151 8.96 -7.84 28.02
CA PHE C 151 10.10 -6.94 27.94
C PHE C 151 11.40 -7.65 28.39
N ASN C 152 12.50 -7.40 27.69
CA ASN C 152 13.74 -8.03 28.02
C ASN C 152 14.80 -6.99 28.37
N PRO C 153 15.10 -6.80 29.67
CA PRO C 153 16.10 -5.86 30.07
C PRO C 153 17.48 -6.05 29.46
N SER C 154 17.85 -7.31 29.15
CA SER C 154 19.17 -7.59 28.66
C SER C 154 19.28 -7.11 27.20
N TYR C 155 18.26 -7.42 26.40
CA TYR C 155 18.27 -6.98 25.03
C TYR C 155 18.24 -5.46 24.98
N ASP C 156 17.58 -4.81 25.96
CA ASP C 156 17.55 -3.35 25.97
C ASP C 156 18.88 -2.67 26.21
N LYS C 157 19.89 -3.44 26.62
CA LYS C 157 21.24 -2.90 26.82
C LYS C 157 21.89 -2.63 25.49
N ILE C 158 21.38 -3.31 24.42
CA ILE C 158 21.72 -2.88 23.08
C ILE C 158 20.68 -1.90 22.53
N PHE C 159 19.40 -2.27 22.57
CA PHE C 159 18.36 -1.46 21.88
C PHE C 159 18.23 0.02 22.31
N SER C 160 18.63 0.27 23.56
CA SER C 160 18.60 1.63 24.10
C SER C 160 19.64 2.49 23.52
N HIS C 161 20.53 1.99 22.68
CA HIS C 161 21.48 2.81 21.92
C HIS C 161 21.24 2.95 20.47
N LEU C 162 20.13 2.37 19.95
CA LEU C 162 19.99 2.35 18.51
C LEU C 162 19.86 3.71 17.85
N GLN C 163 19.31 4.72 18.61
CA GLN C 163 19.11 6.03 17.96
C GLN C 163 20.42 6.80 17.85
N HIS C 164 21.55 6.25 18.34
CA HIS C 164 22.87 6.85 18.15
C HIS C 164 23.56 6.36 16.91
N VAL C 165 23.02 5.29 16.33
CA VAL C 165 23.57 4.72 15.09
C VAL C 165 22.58 4.65 13.97
N LYS C 166 21.70 5.63 13.85
CA LYS C 166 20.68 5.53 12.86
C LYS C 166 21.12 5.36 11.45
N TYR C 167 22.29 5.92 11.10
CA TYR C 167 22.64 5.95 9.72
C TYR C 167 23.84 5.06 9.46
N LYS C 168 23.94 4.61 8.17
CA LYS C 168 25.08 3.78 7.77
C LYS C 168 26.40 4.44 8.09
N GLY C 169 27.30 3.66 8.65
CA GLY C 169 28.60 4.10 9.05
C GLY C 169 28.69 4.70 10.37
N GLN C 170 27.55 5.00 11.01
CA GLN C 170 27.64 5.56 12.31
C GLN C 170 28.02 4.61 13.41
N GLU C 171 28.64 5.10 14.46
CA GLU C 171 29.19 4.29 15.54
C GLU C 171 28.88 4.87 16.86
N ALA C 172 28.80 4.02 17.86
CA ALA C 172 28.63 4.41 19.26
C ALA C 172 29.17 3.43 20.18
N PHE C 173 29.30 3.79 21.41
CA PHE C 173 29.74 2.82 22.39
C PHE C 173 28.51 2.38 23.22
N VAL C 174 28.48 1.09 23.53
CA VAL C 174 27.45 0.49 24.41
C VAL C 174 28.29 0.03 25.65
N PRO C 175 27.87 0.36 26.91
CA PRO C 175 28.61 -0.27 28.02
C PRO C 175 28.50 -1.79 28.08
N GLY C 176 29.44 -2.41 28.72
CA GLY C 176 29.53 -3.85 28.81
C GLY C 176 28.41 -4.36 29.68
N PHE C 177 28.06 -5.60 29.40
CA PHE C 177 27.03 -6.32 30.24
C PHE C 177 27.36 -7.84 29.99
N ASN C 178 26.70 -8.74 30.70
CA ASN C 178 26.86 -10.15 30.55
C ASN C 178 26.07 -10.69 29.32
N ILE C 179 26.89 -10.98 28.28
CA ILE C 179 26.29 -11.39 27.01
C ILE C 179 25.50 -12.67 27.18
N GLU C 180 25.83 -13.48 28.13
CA GLU C 180 25.09 -14.72 28.38
C GLU C 180 23.62 -14.44 28.70
N GLU C 181 23.29 -13.23 29.14
CA GLU C 181 21.90 -12.89 29.42
C GLU C 181 21.06 -12.79 28.14
N LEU C 182 21.74 -12.74 26.96
CA LEU C 182 21.01 -12.78 25.67
C LEU C 182 20.60 -14.16 25.20
N LEU C 183 21.13 -15.18 25.87
CA LEU C 183 20.90 -16.58 25.51
C LEU C 183 19.58 -17.04 26.12
N PRO C 184 18.89 -18.00 25.51
CA PRO C 184 17.65 -18.48 26.04
C PRO C 184 17.84 -19.47 27.18
N GLU C 185 16.67 -19.90 27.68
CA GLU C 185 16.62 -21.02 28.61
C GLU C 185 17.08 -22.33 27.97
N ARG C 186 17.60 -23.25 28.80
N ARG C 186 17.79 -23.09 28.81
CA ARG C 186 18.06 -24.58 28.34
CA ARG C 186 18.22 -24.47 28.50
C ARG C 186 19.02 -24.49 27.13
C ARG C 186 19.06 -24.53 27.23
N THR C 187 20.14 -23.79 27.31
CA THR C 187 21.11 -23.71 26.22
C THR C 187 21.66 -25.09 25.86
N ALA C 188 21.48 -26.10 26.74
CA ALA C 188 21.90 -27.44 26.37
C ALA C 188 21.09 -28.02 25.18
N GLU C 189 19.92 -27.48 24.86
CA GLU C 189 19.10 -27.93 23.76
C GLU C 189 19.35 -27.06 22.53
N TYR C 190 19.92 -27.69 21.51
CA TYR C 190 20.24 -26.88 20.29
C TYR C 190 20.28 -27.79 19.08
N TYR C 191 20.18 -27.14 17.91
CA TYR C 191 20.43 -27.70 16.61
C TYR C 191 21.83 -27.38 16.17
N ARG C 192 22.48 -28.27 15.38
CA ARG C 192 23.85 -28.10 14.90
C ARG C 192 23.95 -28.50 13.47
N TYR C 193 24.54 -27.67 12.64
CA TYR C 193 24.88 -28.12 11.27
C TYR C 193 26.03 -27.30 10.75
N ARG C 194 26.64 -27.75 9.68
CA ARG C 194 27.74 -27.06 9.03
C ARG C 194 27.10 -26.20 7.90
N GLY C 195 27.34 -24.89 7.93
CA GLY C 195 26.77 -24.02 6.89
C GLY C 195 27.67 -22.88 6.57
N SER C 196 27.05 -21.72 6.30
CA SER C 196 27.76 -20.59 5.74
C SER C 196 27.44 -19.32 6.49
N LEU C 197 28.22 -18.29 6.21
CA LEU C 197 27.69 -16.92 6.52
C LEU C 197 26.36 -16.75 5.78
N THR C 198 25.44 -16.06 6.41
CA THR C 198 24.17 -15.74 5.76
C THR C 198 24.18 -14.39 5.00
N THR C 199 25.35 -13.76 5.02
CA THR C 199 25.59 -12.53 4.29
C THR C 199 26.78 -12.77 3.37
N PRO C 200 26.96 -11.87 2.38
CA PRO C 200 28.24 -11.91 1.64
C PRO C 200 29.40 -11.82 2.63
N PRO C 201 30.48 -12.53 2.39
CA PRO C 201 30.74 -13.36 1.17
C PRO C 201 30.23 -14.79 1.14
N CYS C 202 29.40 -15.14 2.12
CA CYS C 202 28.68 -16.44 2.15
C CYS C 202 29.60 -17.60 2.23
N ASN C 203 30.77 -17.42 2.85
CA ASN C 203 31.69 -18.54 2.90
C ASN C 203 31.14 -19.74 3.67
N PRO C 204 31.41 -20.96 3.18
CA PRO C 204 30.82 -22.18 3.81
C PRO C 204 31.69 -22.68 4.95
N THR C 205 31.88 -21.77 5.91
CA THR C 205 32.91 -21.95 6.91
C THR C 205 32.36 -21.80 8.31
N VAL C 206 31.02 -21.86 8.43
CA VAL C 206 30.39 -21.64 9.75
C VAL C 206 29.84 -22.92 10.38
N LEU C 207 30.23 -23.20 11.63
CA LEU C 207 29.56 -24.22 12.43
C LEU C 207 28.38 -23.59 13.12
N TRP C 208 27.15 -23.92 12.74
CA TRP C 208 25.95 -23.27 13.32
C TRP C 208 25.47 -23.97 14.56
N THR C 209 25.11 -23.21 15.58
CA THR C 209 24.43 -23.70 16.76
C THR C 209 23.24 -22.83 16.91
N VAL C 210 22.06 -23.41 16.74
CA VAL C 210 20.77 -22.63 16.84
C VAL C 210 20.09 -23.17 18.06
N PHE C 211 19.90 -22.30 19.06
CA PHE C 211 19.29 -22.88 20.26
C PHE C 211 17.81 -23.22 20.01
N ARG C 212 17.34 -24.27 20.68
N ARG C 212 17.35 -24.28 20.68
CA ARG C 212 15.97 -24.74 20.51
CA ARG C 212 16.00 -24.76 20.47
C ARG C 212 14.95 -23.72 20.95
C ARG C 212 14.94 -23.81 20.98
N ASN C 213 15.20 -23.12 22.11
CA ASN C 213 14.18 -22.24 22.72
C ASN C 213 14.43 -20.79 22.37
N PRO C 214 13.37 -20.05 22.07
CA PRO C 214 13.51 -18.67 21.73
C PRO C 214 13.58 -17.81 22.99
N VAL C 215 14.08 -16.58 22.86
CA VAL C 215 13.93 -15.51 23.89
C VAL C 215 12.79 -14.64 23.47
N GLN C 216 12.29 -13.81 24.40
CA GLN C 216 11.20 -12.86 24.17
C GLN C 216 11.69 -11.47 24.35
N ILE C 217 11.21 -10.58 23.51
CA ILE C 217 11.38 -9.15 23.66
C ILE C 217 9.97 -8.55 23.54
N SER C 218 9.74 -7.36 24.11
CA SER C 218 8.34 -6.84 24.03
C SER C 218 8.02 -6.35 22.64
N GLN C 219 6.71 -6.15 22.36
CA GLN C 219 6.31 -5.48 21.15
C GLN C 219 6.97 -4.17 20.89
N GLU C 220 7.16 -3.38 21.96
CA GLU C 220 7.81 -2.08 21.86
C GLU C 220 9.25 -2.22 21.48
N GLN C 221 9.93 -3.22 22.07
CA GLN C 221 11.34 -3.45 21.72
C GLN C 221 11.51 -3.94 20.26
N LEU C 222 10.62 -4.82 19.84
CA LEU C 222 10.61 -5.25 18.44
C LEU C 222 10.37 -4.16 17.44
N LEU C 223 9.36 -3.28 17.72
CA LEU C 223 9.08 -2.13 16.89
C LEU C 223 10.21 -1.20 16.83
N ALA C 224 10.82 -0.91 17.98
CA ALA C 224 12.07 -0.11 18.05
C ALA C 224 13.17 -0.58 17.11
N LEU C 225 13.48 -1.89 17.21
CA LEU C 225 14.56 -2.44 16.38
C LEU C 225 14.18 -2.36 14.90
N GLU C 226 12.90 -2.63 14.57
CA GLU C 226 12.45 -2.53 13.17
C GLU C 226 12.37 -1.14 12.56
N THR C 227 12.34 -0.13 13.43
CA THR C 227 12.09 1.23 12.94
C THR C 227 13.23 2.19 13.25
N ALA C 228 14.27 1.73 13.94
CA ALA C 228 15.30 2.68 14.42
C ALA C 228 16.30 3.05 13.37
N LEU C 229 16.59 2.18 12.40
CA LEU C 229 17.78 2.35 11.56
C LEU C 229 17.53 2.48 10.10
N TYR C 230 18.41 3.22 9.48
CA TYR C 230 18.43 3.34 8.06
C TYR C 230 19.62 2.57 7.54
N CYS C 231 19.58 2.10 6.28
N CYS C 231 19.47 2.11 6.29
CA CYS C 231 20.79 1.52 5.68
CA CYS C 231 20.54 1.45 5.61
C CYS C 231 21.71 2.56 5.11
C CYS C 231 21.34 2.41 4.68
N THR C 232 21.10 3.72 4.83
CA THR C 232 21.73 4.78 4.03
C THR C 232 22.53 5.73 4.94
N HIS C 233 23.50 6.47 4.33
CA HIS C 233 24.25 7.50 5.06
C HIS C 233 23.33 8.70 5.37
N MET C 234 23.72 9.45 6.40
CA MET C 234 23.03 10.66 6.94
C MET C 234 22.82 11.70 5.82
N ASP C 235 23.76 11.78 4.90
CA ASP C 235 23.64 12.70 3.76
C ASP C 235 22.85 12.23 2.50
N ASP C 236 22.10 11.12 2.59
CA ASP C 236 21.32 10.61 1.46
C ASP C 236 19.94 11.29 1.42
N PRO C 237 19.64 12.01 0.29
CA PRO C 237 18.32 12.65 0.14
C PRO C 237 17.18 11.62 -0.17
N SER C 238 17.56 10.37 -0.49
CA SER C 238 16.60 9.22 -0.54
C SER C 238 16.88 8.19 0.56
N PRO C 239 16.43 8.47 1.81
CA PRO C 239 16.74 7.50 2.85
C PRO C 239 15.97 6.17 2.75
N ARG C 240 16.62 5.11 3.18
CA ARG C 240 15.95 3.81 3.15
C ARG C 240 16.06 3.13 4.49
N GLU C 241 14.91 2.58 4.94
CA GLU C 241 14.84 1.92 6.22
C GLU C 241 15.64 0.60 6.20
N MET C 242 16.32 0.37 7.30
CA MET C 242 16.98 -0.99 7.55
C MET C 242 15.90 -1.94 8.13
N ILE C 243 15.31 -2.68 7.21
CA ILE C 243 14.23 -3.61 7.46
C ILE C 243 14.51 -4.88 6.62
N ASN C 244 13.89 -5.99 7.06
CA ASN C 244 13.94 -7.22 6.23
C ASN C 244 15.36 -7.64 5.86
N ASN C 245 16.24 -7.49 6.87
CA ASN C 245 17.67 -7.77 6.66
C ASN C 245 18.01 -9.19 7.01
N PHE C 246 17.29 -10.11 6.40
CA PHE C 246 17.47 -11.57 6.61
C PHE C 246 17.54 -12.18 5.26
N ARG C 247 18.26 -13.29 5.15
CA ARG C 247 18.31 -13.99 3.88
C ARG C 247 17.23 -15.06 3.86
N GLN C 248 16.61 -15.29 2.69
CA GLN C 248 15.63 -16.38 2.50
C GLN C 248 16.30 -17.71 2.81
N VAL C 249 15.54 -18.71 3.27
CA VAL C 249 16.09 -20.03 3.53
C VAL C 249 16.59 -20.69 2.22
N GLN C 250 17.61 -21.48 2.37
CA GLN C 250 18.26 -22.13 1.26
C GLN C 250 17.80 -23.59 1.17
N LYS C 251 17.92 -24.10 -0.06
CA LYS C 251 17.67 -25.58 -0.19
C LYS C 251 18.65 -26.32 0.67
N PHE C 252 18.20 -27.45 1.23
CA PHE C 252 19.11 -28.28 2.14
C PHE C 252 18.55 -29.69 1.89
N ASP C 253 19.19 -30.33 0.99
CA ASP C 253 18.75 -31.67 0.49
C ASP C 253 19.73 -32.78 0.78
N GLU C 254 19.19 -33.94 1.16
N GLU C 254 19.16 -33.92 1.18
CA GLU C 254 19.98 -35.12 1.53
CA GLU C 254 19.94 -35.09 1.55
C GLU C 254 20.96 -34.82 2.69
C GLU C 254 20.99 -34.70 2.59
N ARG C 255 20.59 -33.88 3.57
CA ARG C 255 21.46 -33.54 4.69
C ARG C 255 20.65 -33.55 5.96
N LEU C 256 21.36 -33.72 7.07
CA LEU C 256 20.75 -33.69 8.36
C LEU C 256 21.18 -32.45 9.19
N VAL C 257 20.28 -32.12 10.12
CA VAL C 257 20.59 -31.21 11.21
C VAL C 257 20.65 -32.06 12.46
N TYR C 258 21.70 -31.93 13.24
CA TYR C 258 21.92 -32.79 14.40
C TYR C 258 21.37 -32.06 15.59
N THR C 259 20.75 -32.79 16.53
CA THR C 259 20.14 -32.14 17.64
C THR C 259 20.72 -32.70 18.97
N SER C 260 20.79 -31.86 19.99
CA SER C 260 21.34 -32.31 21.25
C SER C 260 20.20 -32.87 22.11
N PHE C 261 18.98 -32.86 21.60
CA PHE C 261 17.82 -33.31 22.31
C PHE C 261 17.15 -34.31 21.43
N SER C 262 16.27 -35.16 21.96
CA SER C 262 15.48 -35.96 20.98
C SER C 262 13.99 -35.63 21.12
N GLN C 263 13.65 -35.36 22.37
CA GLN C 263 12.29 -35.12 22.84
C GLN C 263 12.04 -33.60 23.01
N LYS D 3 22.06 -22.98 -19.61
CA LYS D 3 22.22 -24.25 -18.87
C LYS D 3 21.88 -24.10 -17.38
N TRP D 4 20.91 -23.22 -17.09
CA TRP D 4 20.52 -23.00 -15.69
C TRP D 4 19.91 -24.30 -15.17
N THR D 5 20.02 -24.47 -13.86
CA THR D 5 19.48 -25.63 -13.19
C THR D 5 18.86 -25.26 -11.86
N TYR D 6 18.39 -26.24 -11.07
CA TYR D 6 17.96 -26.02 -9.70
C TYR D 6 18.87 -26.51 -8.63
N PHE D 7 20.06 -26.98 -9.04
CA PHE D 7 20.96 -27.63 -8.10
C PHE D 7 22.41 -27.38 -8.53
N GLY D 8 23.24 -26.94 -7.57
CA GLY D 8 24.70 -26.86 -7.90
C GLY D 8 25.07 -25.49 -8.38
N PRO D 9 26.19 -25.36 -9.08
CA PRO D 9 26.73 -24.09 -9.43
C PRO D 9 25.89 -23.18 -10.28
N ASP D 10 25.01 -23.77 -11.11
CA ASP D 10 24.12 -23.07 -12.00
C ASP D 10 22.67 -22.95 -11.46
N GLY D 11 22.55 -23.23 -10.18
CA GLY D 11 21.24 -23.20 -9.49
C GLY D 11 20.82 -21.77 -9.19
N GLU D 12 19.72 -21.67 -8.41
CA GLU D 12 18.93 -20.45 -8.40
C GLU D 12 19.60 -19.24 -7.85
N ASN D 13 20.59 -19.40 -6.98
CA ASN D 13 21.32 -18.23 -6.48
C ASN D 13 22.25 -17.70 -7.55
N SER D 14 22.49 -18.43 -8.62
CA SER D 14 23.37 -17.95 -9.72
C SER D 14 22.57 -17.53 -10.93
N TRP D 15 21.24 -17.68 -10.98
CA TRP D 15 20.57 -17.33 -12.22
C TRP D 15 20.77 -15.88 -12.59
N SER D 16 20.85 -14.99 -11.63
CA SER D 16 20.99 -13.54 -11.91
C SER D 16 22.29 -13.21 -12.66
N LYS D 17 23.25 -14.14 -12.66
CA LYS D 17 24.51 -13.85 -13.37
C LYS D 17 24.27 -13.76 -14.83
N LYS D 18 23.32 -14.53 -15.36
CA LYS D 18 22.96 -14.54 -16.82
C LYS D 18 21.60 -13.88 -17.10
N TYR D 19 20.74 -13.79 -16.10
CA TYR D 19 19.31 -13.38 -16.33
C TYR D 19 19.08 -12.30 -15.30
N PRO D 20 19.37 -11.02 -15.64
CA PRO D 20 19.33 -9.99 -14.62
C PRO D 20 17.94 -9.86 -13.89
N SER D 21 16.84 -10.15 -14.60
CA SER D 21 15.51 -10.00 -13.87
C SER D 21 15.39 -10.97 -12.74
N CYS D 22 16.17 -12.06 -12.66
CA CYS D 22 16.10 -13.00 -11.57
C CYS D 22 16.65 -12.36 -10.32
N GLY D 23 17.46 -11.25 -10.43
CA GLY D 23 17.94 -10.43 -9.27
C GLY D 23 17.22 -9.12 -9.17
N GLY D 24 16.12 -8.96 -9.88
CA GLY D 24 15.28 -7.69 -9.85
C GLY D 24 14.14 -7.81 -8.88
N LEU D 25 13.26 -6.85 -8.97
CA LEU D 25 12.14 -6.80 -8.03
C LEU D 25 11.01 -7.74 -8.50
N LEU D 26 10.04 -7.91 -7.55
CA LEU D 26 8.71 -8.51 -7.84
C LEU D 26 8.81 -9.98 -8.33
N GLN D 27 9.69 -10.68 -7.62
CA GLN D 27 9.92 -12.08 -8.04
C GLN D 27 8.94 -13.03 -7.39
N SER D 28 8.75 -14.14 -8.08
CA SER D 28 7.91 -15.27 -7.61
C SER D 28 8.74 -16.51 -7.47
N PRO D 29 8.34 -17.51 -6.71
CA PRO D 29 7.11 -17.54 -5.86
C PRO D 29 7.31 -16.83 -4.54
N ILE D 30 6.24 -16.88 -3.77
CA ILE D 30 6.15 -16.25 -2.44
C ILE D 30 5.41 -17.12 -1.49
N ASP D 31 5.67 -16.84 -0.19
CA ASP D 31 4.89 -17.51 0.88
C ASP D 31 3.61 -16.76 1.13
N LEU D 32 2.49 -17.44 1.09
CA LEU D 32 1.15 -16.81 1.25
C LEU D 32 0.86 -16.95 2.76
N HIS D 33 0.93 -15.83 3.49
CA HIS D 33 0.69 -15.90 4.93
C HIS D 33 -0.09 -14.65 5.39
N SER D 34 -0.72 -14.84 6.56
CA SER D 34 -1.78 -13.85 6.96
C SER D 34 -1.33 -12.39 6.92
N ASP D 35 -0.13 -12.04 7.34
CA ASP D 35 0.22 -10.65 7.53
C ASP D 35 0.20 -9.89 6.26
N ILE D 36 0.43 -10.59 5.12
CA ILE D 36 0.46 -9.94 3.79
C ILE D 36 -0.76 -10.13 2.92
N LEU D 37 -1.81 -10.75 3.48
CA LEU D 37 -3.07 -10.92 2.76
C LEU D 37 -4.03 -9.79 2.97
N GLN D 38 -4.66 -9.38 1.91
CA GLN D 38 -5.73 -8.36 2.08
C GLN D 38 -6.91 -8.71 1.19
N TYR D 39 -8.13 -8.74 1.74
CA TYR D 39 -9.31 -9.04 0.94
C TYR D 39 -9.56 -7.85 -0.04
N ASP D 40 -9.86 -8.15 -1.30
CA ASP D 40 -10.17 -7.12 -2.32
C ASP D 40 -11.39 -7.59 -2.99
N ALA D 41 -12.51 -6.76 -2.81
CA ALA D 41 -13.80 -7.11 -3.44
C ALA D 41 -13.79 -6.93 -4.96
N SER D 42 -12.71 -6.38 -5.52
CA SER D 42 -12.59 -6.28 -6.99
C SER D 42 -12.28 -7.60 -7.64
N LEU D 43 -11.85 -8.59 -6.82
CA LEU D 43 -11.46 -9.90 -7.36
C LEU D 43 -12.63 -10.78 -7.60
N THR D 44 -13.20 -10.64 -8.82
CA THR D 44 -14.40 -11.34 -9.16
C THR D 44 -14.05 -12.69 -9.84
N PRO D 45 -15.01 -13.57 -9.98
CA PRO D 45 -14.67 -14.94 -10.47
C PRO D 45 -14.14 -14.97 -11.90
N LEU D 46 -13.04 -15.71 -12.14
CA LEU D 46 -12.58 -15.93 -13.52
C LEU D 46 -13.47 -16.90 -14.20
N GLU D 47 -13.55 -16.71 -15.52
CA GLU D 47 -14.18 -17.67 -16.32
C GLU D 47 -13.15 -18.39 -17.26
N PHE D 48 -13.30 -19.70 -17.35
CA PHE D 48 -12.33 -20.55 -18.14
C PHE D 48 -13.04 -20.94 -19.37
N GLN D 49 -12.58 -20.41 -20.51
CA GLN D 49 -13.26 -20.57 -21.77
C GLN D 49 -12.40 -21.41 -22.71
N GLY D 50 -13.04 -22.40 -23.33
CA GLY D 50 -12.35 -23.27 -24.26
C GLY D 50 -11.34 -24.22 -23.64
N TYR D 51 -11.57 -24.47 -22.38
CA TYR D 51 -10.71 -25.44 -21.59
C TYR D 51 -11.10 -26.85 -21.89
N ASN D 52 -12.30 -27.11 -22.47
CA ASN D 52 -12.66 -28.46 -22.73
C ASN D 52 -12.15 -28.89 -24.07
N LEU D 53 -10.94 -29.40 -24.08
CA LEU D 53 -10.24 -29.74 -25.34
C LEU D 53 -10.85 -31.07 -25.90
N SER D 54 -10.98 -31.13 -27.20
CA SER D 54 -11.60 -32.33 -27.79
C SER D 54 -10.69 -33.57 -27.64
N ALA D 55 -11.29 -34.66 -27.23
CA ALA D 55 -10.56 -35.91 -27.16
C ALA D 55 -10.12 -36.45 -28.49
N ASN D 56 -10.62 -35.92 -29.60
CA ASN D 56 -10.11 -36.23 -30.96
C ASN D 56 -9.03 -35.36 -31.47
N LYS D 57 -8.63 -34.39 -30.67
CA LYS D 57 -7.48 -33.57 -31.02
C LYS D 57 -6.29 -33.98 -30.09
N GLN D 58 -5.11 -33.56 -30.48
CA GLN D 58 -3.99 -33.99 -29.65
C GLN D 58 -3.07 -32.76 -29.47
N PHE D 59 -2.41 -32.78 -28.31
CA PHE D 59 -1.62 -31.64 -27.76
C PHE D 59 -0.26 -32.14 -27.44
N LEU D 60 0.74 -31.31 -27.74
CA LEU D 60 2.11 -31.74 -27.63
C LEU D 60 2.69 -31.64 -26.22
N LEU D 61 3.16 -32.72 -25.67
CA LEU D 61 3.86 -32.79 -24.36
C LEU D 61 5.33 -32.84 -24.65
N THR D 62 6.14 -32.04 -23.96
CA THR D 62 7.58 -31.99 -24.23
C THR D 62 8.32 -31.91 -22.90
N ASN D 63 9.47 -32.54 -22.82
CA ASN D 63 10.46 -32.33 -21.73
C ASN D 63 11.40 -31.25 -22.19
N ASN D 64 11.33 -30.09 -21.55
CA ASN D 64 12.18 -28.96 -22.01
C ASN D 64 13.50 -28.81 -21.27
N GLY D 65 13.81 -29.86 -20.52
CA GLY D 65 15.03 -29.83 -19.73
C GLY D 65 14.89 -29.30 -18.28
N HIS D 66 13.69 -28.73 -18.03
CA HIS D 66 13.45 -28.06 -16.72
C HIS D 66 12.13 -28.52 -16.10
N SER D 67 11.12 -28.87 -16.92
CA SER D 67 9.83 -29.39 -16.45
C SER D 67 9.27 -30.23 -17.61
N VAL D 68 8.07 -30.71 -17.40
CA VAL D 68 7.30 -31.33 -18.48
C VAL D 68 6.18 -30.33 -18.80
N LYS D 69 6.02 -30.09 -20.07
CA LYS D 69 5.08 -29.06 -20.49
C LYS D 69 4.13 -29.59 -21.52
N LEU D 70 2.87 -29.17 -21.45
CA LEU D 70 1.85 -29.49 -22.42
C LEU D 70 1.50 -28.19 -23.16
N ASN D 71 1.63 -28.22 -24.46
CA ASN D 71 1.18 -27.06 -25.25
C ASN D 71 -0.32 -26.96 -25.30
N LEU D 72 -0.82 -25.75 -25.21
CA LEU D 72 -2.26 -25.47 -25.16
C LEU D 72 -2.62 -24.53 -26.33
N PRO D 73 -3.83 -24.65 -26.83
CA PRO D 73 -4.29 -23.80 -27.99
C PRO D 73 -4.73 -22.42 -27.58
N SER D 74 -4.44 -21.43 -28.41
CA SER D 74 -4.78 -20.04 -28.06
C SER D 74 -6.29 -19.77 -27.99
N ASP D 75 -7.10 -20.67 -28.45
CA ASP D 75 -8.55 -20.47 -28.28
C ASP D 75 -8.99 -20.67 -26.83
N MET D 76 -8.12 -21.30 -26.05
CA MET D 76 -8.41 -21.49 -24.65
C MET D 76 -8.03 -20.14 -23.96
N HIS D 77 -8.94 -19.55 -23.14
CA HIS D 77 -8.61 -18.28 -22.53
C HIS D 77 -9.25 -18.04 -21.25
N ILE D 78 -8.71 -17.09 -20.50
CA ILE D 78 -9.35 -16.59 -19.27
C ILE D 78 -10.07 -15.30 -19.57
N GLN D 79 -11.26 -15.18 -18.99
CA GLN D 79 -12.00 -13.93 -18.93
C GLN D 79 -12.14 -13.43 -17.52
N GLY D 80 -11.99 -12.12 -17.31
CA GLY D 80 -12.13 -11.59 -15.97
C GLY D 80 -11.03 -10.73 -15.54
N LEU D 81 -9.87 -10.73 -16.25
CA LEU D 81 -8.77 -9.92 -15.86
C LEU D 81 -8.87 -8.59 -16.68
N GLN D 82 -7.83 -7.77 -16.64
CA GLN D 82 -7.92 -6.44 -17.32
C GLN D 82 -7.81 -6.60 -18.85
N SER D 83 -7.43 -7.77 -19.36
CA SER D 83 -7.26 -8.05 -20.82
C SER D 83 -7.63 -9.52 -20.99
N ARG D 84 -7.93 -9.99 -22.18
N ARG D 84 -7.90 -10.00 -22.19
CA ARG D 84 -8.01 -11.41 -22.51
CA ARG D 84 -8.00 -11.43 -22.44
C ARG D 84 -6.57 -11.95 -22.40
C ARG D 84 -6.61 -12.05 -22.50
N TYR D 85 -6.51 -13.13 -21.74
CA TYR D 85 -5.23 -13.88 -21.63
C TYR D 85 -5.57 -15.26 -22.26
N SER D 86 -4.76 -15.65 -23.26
CA SER D 86 -4.95 -16.89 -23.99
C SER D 86 -3.88 -17.92 -23.58
N ALA D 87 -4.33 -19.14 -23.46
CA ALA D 87 -3.37 -20.18 -22.98
C ALA D 87 -2.23 -20.38 -23.94
N THR D 88 -1.08 -20.77 -23.39
CA THR D 88 0.09 -21.18 -24.19
C THR D 88 0.60 -22.58 -23.76
N GLN D 89 0.70 -22.85 -22.44
CA GLN D 89 1.20 -24.18 -22.05
C GLN D 89 0.89 -24.34 -20.58
N LEU D 90 0.90 -25.61 -20.15
CA LEU D 90 0.93 -25.87 -18.71
C LEU D 90 2.13 -26.76 -18.39
N HIS D 91 2.54 -26.71 -17.11
CA HIS D 91 3.71 -27.52 -16.68
C HIS D 91 3.64 -27.65 -15.18
N LEU D 92 4.59 -28.40 -14.62
CA LEU D 92 4.56 -28.66 -13.17
C LEU D 92 5.93 -28.44 -12.53
N HIS D 93 5.85 -28.36 -11.23
CA HIS D 93 7.09 -28.29 -10.34
C HIS D 93 6.88 -29.27 -9.25
N TRP D 94 7.94 -29.94 -8.84
CA TRP D 94 7.86 -31.04 -7.82
C TRP D 94 9.20 -31.17 -7.11
N GLY D 95 9.12 -32.04 -6.12
CA GLY D 95 10.31 -32.36 -5.25
C GLY D 95 10.99 -33.66 -5.66
N ASN D 96 11.06 -34.59 -4.67
CA ASN D 96 11.74 -35.84 -5.07
C ASN D 96 11.20 -36.88 -4.09
N PRO D 97 11.57 -38.19 -4.35
CA PRO D 97 10.94 -39.20 -3.50
C PRO D 97 11.23 -39.06 -1.99
N ASN D 98 12.38 -38.53 -1.62
CA ASN D 98 12.72 -38.34 -0.21
C ASN D 98 12.20 -37.05 0.36
N ASP D 99 11.66 -36.18 -0.51
CA ASP D 99 11.14 -34.94 0.04
C ASP D 99 10.01 -34.51 -0.97
N PRO D 100 8.83 -35.07 -0.84
CA PRO D 100 7.74 -34.81 -1.86
C PRO D 100 7.05 -33.51 -1.44
N HIS D 101 7.82 -32.39 -1.44
CA HIS D 101 7.33 -31.07 -0.96
C HIS D 101 7.89 -30.02 -1.88
N GLY D 102 7.50 -30.10 -3.14
CA GLY D 102 8.10 -29.27 -4.14
C GLY D 102 7.19 -28.24 -4.79
N SER D 103 6.08 -27.84 -4.12
CA SER D 103 5.39 -26.66 -4.67
C SER D 103 6.31 -25.47 -4.67
N GLU D 104 5.98 -24.48 -5.50
CA GLU D 104 6.70 -23.20 -5.49
C GLU D 104 6.17 -22.25 -4.48
N HIS D 105 4.87 -21.94 -4.62
CA HIS D 105 4.22 -21.17 -3.57
C HIS D 105 4.09 -22.03 -2.31
N THR D 106 4.20 -21.37 -1.16
CA THR D 106 3.94 -22.03 0.16
C THR D 106 2.75 -21.31 0.78
N VAL D 107 2.09 -21.99 1.73
CA VAL D 107 0.99 -21.36 2.49
C VAL D 107 1.40 -21.46 3.94
N SER D 108 1.46 -20.30 4.56
CA SER D 108 1.89 -20.26 6.03
C SER D 108 3.10 -21.10 6.27
N GLY D 109 4.06 -20.93 5.36
CA GLY D 109 5.36 -21.62 5.47
C GLY D 109 5.47 -23.07 5.03
N GLN D 110 4.39 -23.62 4.50
N GLN D 110 4.39 -23.67 4.55
CA GLN D 110 4.32 -25.02 4.19
CA GLN D 110 4.41 -25.08 4.23
C GLN D 110 4.29 -25.26 2.70
C GLN D 110 4.32 -25.26 2.74
N HIS D 111 5.20 -26.10 2.23
CA HIS D 111 5.06 -26.57 0.84
C HIS D 111 3.93 -27.53 0.68
N PHE D 112 3.38 -27.58 -0.52
CA PHE D 112 2.51 -28.66 -0.90
C PHE D 112 3.47 -29.67 -1.72
N ALA D 113 2.93 -30.78 -2.15
CA ALA D 113 3.74 -31.78 -2.82
C ALA D 113 4.28 -31.26 -4.18
N ALA D 114 3.41 -30.59 -4.93
CA ALA D 114 3.76 -30.17 -6.27
C ALA D 114 2.86 -28.97 -6.62
N GLU D 115 3.09 -28.45 -7.84
CA GLU D 115 2.28 -27.27 -8.27
C GLU D 115 2.15 -27.31 -9.78
N LEU D 116 0.94 -27.01 -10.26
CA LEU D 116 0.63 -26.86 -11.71
C LEU D 116 0.52 -25.40 -12.05
N HIS D 117 1.19 -25.02 -13.13
CA HIS D 117 1.02 -23.67 -13.69
C HIS D 117 0.44 -23.76 -15.08
N ILE D 118 -0.69 -23.09 -15.25
CA ILE D 118 -1.27 -22.90 -16.63
C ILE D 118 -0.97 -21.51 -17.06
N VAL D 119 -0.02 -21.43 -18.02
CA VAL D 119 0.51 -20.13 -18.45
C VAL D 119 -0.33 -19.61 -19.61
N HIS D 120 -0.70 -18.30 -19.49
CA HIS D 120 -1.43 -17.58 -20.54
C HIS D 120 -0.69 -16.29 -20.86
N TYR D 121 -0.94 -15.81 -22.08
CA TYR D 121 -0.31 -14.54 -22.49
C TYR D 121 -1.41 -13.55 -22.86
N ASN D 122 -1.02 -12.29 -22.83
CA ASN D 122 -1.94 -11.15 -23.09
C ASN D 122 -2.10 -11.03 -24.62
N SER D 123 -3.16 -11.67 -25.12
CA SER D 123 -3.41 -11.70 -26.55
C SER D 123 -4.10 -10.42 -27.04
N ASP D 124 -4.49 -9.52 -26.17
CA ASP D 124 -5.04 -8.23 -26.64
C ASP D 124 -3.84 -7.33 -26.97
N LEU D 125 -2.66 -7.55 -26.41
CA LEU D 125 -1.48 -6.73 -26.60
C LEU D 125 -0.44 -7.39 -27.49
N TYR D 126 -0.30 -8.72 -27.46
CA TYR D 126 0.83 -9.38 -28.01
C TYR D 126 0.45 -10.55 -28.88
N PRO D 127 1.29 -10.84 -29.90
CA PRO D 127 0.82 -11.83 -30.85
C PRO D 127 1.05 -13.22 -30.45
N ASP D 128 1.92 -13.42 -29.48
CA ASP D 128 2.31 -14.73 -29.00
C ASP D 128 2.92 -14.66 -27.61
N ALA D 129 3.16 -15.81 -26.98
CA ALA D 129 3.63 -15.83 -25.69
C ALA D 129 5.11 -15.37 -25.56
N SER D 130 5.96 -15.80 -26.55
CA SER D 130 7.37 -15.40 -26.45
C SER D 130 7.47 -13.86 -26.49
N THR D 131 6.72 -13.25 -27.39
CA THR D 131 6.74 -11.78 -27.47
C THR D 131 6.19 -11.15 -26.18
N ALA D 132 5.16 -11.75 -25.64
CA ALA D 132 4.54 -11.21 -24.45
C ALA D 132 5.41 -11.33 -23.16
N SER D 133 6.25 -12.38 -23.19
CA SER D 133 6.91 -12.82 -21.96
C SER D 133 7.76 -11.80 -21.17
N ASN D 134 8.40 -10.89 -21.95
CA ASN D 134 9.19 -9.83 -21.39
C ASN D 134 8.61 -8.46 -21.43
N LYS D 135 7.31 -8.42 -21.66
CA LYS D 135 6.68 -7.11 -21.82
C LYS D 135 5.55 -6.87 -20.85
N SER D 136 5.20 -5.59 -20.71
CA SER D 136 4.25 -5.15 -19.65
C SER D 136 2.96 -5.94 -19.76
N GLU D 137 2.47 -6.40 -18.60
CA GLU D 137 1.21 -7.13 -18.54
C GLU D 137 1.18 -8.39 -19.41
N GLY D 138 2.38 -8.94 -19.68
CA GLY D 138 2.42 -9.95 -20.71
C GLY D 138 1.77 -11.30 -20.36
N LEU D 139 1.88 -11.73 -19.10
CA LEU D 139 1.51 -13.18 -18.82
C LEU D 139 0.56 -13.21 -17.63
N ALA D 140 -0.23 -14.29 -17.57
CA ALA D 140 -1.07 -14.55 -16.37
C ALA D 140 -0.95 -16.05 -16.17
N VAL D 141 -0.68 -16.46 -14.96
CA VAL D 141 -0.65 -17.86 -14.62
C VAL D 141 -1.79 -18.22 -13.65
N LEU D 142 -2.33 -19.42 -13.87
CA LEU D 142 -3.21 -20.05 -12.86
C LEU D 142 -2.38 -21.10 -12.20
N ALA D 143 -2.23 -20.99 -10.90
CA ALA D 143 -1.43 -21.96 -10.09
C ALA D 143 -2.37 -22.79 -9.23
N VAL D 144 -2.14 -24.08 -9.35
CA VAL D 144 -2.90 -25.09 -8.54
C VAL D 144 -1.89 -25.79 -7.63
N LEU D 145 -2.14 -25.67 -6.33
CA LEU D 145 -1.34 -26.38 -5.34
C LEU D 145 -1.76 -27.84 -5.31
N ILE D 146 -0.78 -28.77 -5.28
CA ILE D 146 -1.08 -30.18 -5.34
C ILE D 146 -0.63 -30.89 -4.11
N GLU D 147 -1.60 -31.48 -3.36
N GLU D 147 -1.61 -31.56 -3.45
CA GLU D 147 -1.27 -32.20 -2.16
CA GLU D 147 -1.34 -32.27 -2.23
C GLU D 147 -1.38 -33.72 -2.32
C GLU D 147 -1.29 -33.78 -2.46
N MET D 148 -0.43 -34.48 -1.72
CA MET D 148 -0.49 -35.94 -1.71
C MET D 148 -1.81 -36.43 -1.11
N GLY D 149 -2.52 -37.18 -1.89
CA GLY D 149 -3.86 -37.63 -1.49
C GLY D 149 -4.35 -38.80 -2.36
N SER D 150 -5.60 -38.65 -2.85
CA SER D 150 -6.23 -39.65 -3.76
C SER D 150 -5.69 -39.56 -5.16
N PHE D 151 -5.68 -40.73 -5.79
CA PHE D 151 -5.44 -40.81 -7.23
C PHE D 151 -6.31 -39.85 -8.00
N ASN D 152 -5.71 -39.18 -8.97
CA ASN D 152 -6.44 -38.21 -9.70
C ASN D 152 -6.45 -38.62 -11.20
N PRO D 153 -7.60 -39.10 -11.71
CA PRO D 153 -7.60 -39.57 -13.08
C PRO D 153 -7.38 -38.48 -14.09
N SER D 154 -7.67 -37.25 -13.76
CA SER D 154 -7.50 -36.19 -14.77
C SER D 154 -6.02 -35.81 -14.87
N TYR D 155 -5.29 -35.62 -13.74
CA TYR D 155 -3.83 -35.46 -13.85
C TYR D 155 -3.16 -36.68 -14.49
N ASP D 156 -3.72 -37.88 -14.32
CA ASP D 156 -3.13 -39.04 -14.92
C ASP D 156 -3.17 -38.97 -16.49
N LYS D 157 -4.11 -38.18 -17.04
CA LYS D 157 -4.13 -38.05 -18.54
C LYS D 157 -2.86 -37.36 -18.99
N ILE D 158 -2.12 -36.66 -18.12
CA ILE D 158 -0.77 -36.16 -18.43
C ILE D 158 0.24 -37.19 -18.04
N PHE D 159 0.17 -37.65 -16.74
CA PHE D 159 1.18 -38.56 -16.23
C PHE D 159 1.41 -39.87 -16.96
N SER D 160 0.32 -40.42 -17.57
CA SER D 160 0.51 -41.67 -18.30
C SER D 160 1.41 -41.57 -19.47
N HIS D 161 1.78 -40.37 -19.89
CA HIS D 161 2.73 -40.21 -21.01
C HIS D 161 4.16 -39.86 -20.62
N LEU D 162 4.45 -39.86 -19.29
CA LEU D 162 5.83 -39.43 -18.88
C LEU D 162 6.96 -40.30 -19.38
N GLN D 163 6.69 -41.59 -19.52
CA GLN D 163 7.73 -42.49 -19.99
C GLN D 163 8.04 -42.32 -21.45
N HIS D 164 7.33 -41.50 -22.20
CA HIS D 164 7.68 -41.10 -23.55
C HIS D 164 8.39 -39.77 -23.72
N VAL D 165 8.56 -39.04 -22.60
CA VAL D 165 9.24 -37.76 -22.62
C VAL D 165 10.35 -37.74 -21.54
N LYS D 166 11.01 -38.89 -21.37
CA LYS D 166 11.98 -39.03 -20.32
C LYS D 166 13.15 -38.07 -20.44
N TYR D 167 13.59 -37.71 -21.64
CA TYR D 167 14.80 -36.91 -21.85
C TYR D 167 14.52 -35.58 -22.54
N LYS D 168 15.42 -34.62 -22.29
CA LYS D 168 15.26 -33.30 -22.87
C LYS D 168 15.09 -33.41 -24.33
N GLY D 169 14.09 -32.68 -24.82
CA GLY D 169 13.77 -32.59 -26.24
C GLY D 169 12.78 -33.61 -26.76
N GLN D 170 12.46 -34.67 -25.99
CA GLN D 170 11.52 -35.68 -26.34
C GLN D 170 10.07 -35.14 -26.27
N GLU D 171 9.22 -35.65 -27.14
CA GLU D 171 7.86 -35.09 -27.32
C GLU D 171 6.89 -36.29 -27.43
N ALA D 172 5.67 -36.07 -27.06
CA ALA D 172 4.62 -37.08 -27.15
C ALA D 172 3.32 -36.32 -27.33
N PHE D 173 2.34 -36.99 -27.84
CA PHE D 173 0.99 -36.40 -27.95
C PHE D 173 0.03 -36.89 -26.96
N VAL D 174 -0.70 -35.94 -26.43
CA VAL D 174 -1.70 -36.19 -25.37
C VAL D 174 -3.06 -35.89 -26.03
N PRO D 175 -4.03 -36.83 -26.03
CA PRO D 175 -5.37 -36.47 -26.48
C PRO D 175 -5.98 -35.42 -25.60
N GLY D 176 -6.81 -34.56 -26.22
CA GLY D 176 -7.49 -33.49 -25.47
C GLY D 176 -8.34 -34.05 -24.35
N PHE D 177 -8.46 -33.24 -23.33
CA PHE D 177 -9.37 -33.53 -22.21
C PHE D 177 -9.73 -32.18 -21.64
N ASN D 178 -10.64 -32.14 -20.69
CA ASN D 178 -11.13 -30.89 -20.17
C ASN D 178 -10.09 -30.45 -19.10
N ILE D 179 -9.35 -29.39 -19.40
CA ILE D 179 -8.34 -28.89 -18.48
C ILE D 179 -8.93 -28.29 -17.24
N GLU D 180 -10.21 -27.95 -17.24
CA GLU D 180 -10.80 -27.51 -15.99
C GLU D 180 -10.82 -28.64 -14.96
N GLU D 181 -10.74 -29.89 -15.37
CA GLU D 181 -10.66 -30.98 -14.39
C GLU D 181 -9.35 -30.92 -13.60
N LEU D 182 -8.37 -30.13 -14.00
CA LEU D 182 -7.14 -29.96 -13.20
C LEU D 182 -7.29 -28.93 -12.11
N LEU D 183 -8.36 -28.09 -12.14
CA LEU D 183 -8.55 -27.05 -11.18
C LEU D 183 -9.27 -27.55 -9.95
N PRO D 184 -9.03 -26.86 -8.84
CA PRO D 184 -9.67 -27.29 -7.57
C PRO D 184 -11.06 -26.80 -7.40
N GLU D 185 -11.63 -27.24 -6.26
N GLU D 185 -11.63 -27.22 -6.27
CA GLU D 185 -12.91 -26.76 -5.82
CA GLU D 185 -12.92 -26.71 -5.91
C GLU D 185 -12.90 -25.25 -5.59
C GLU D 185 -12.89 -25.24 -5.62
N ARG D 186 -14.04 -24.61 -5.87
CA ARG D 186 -14.27 -23.20 -5.44
C ARG D 186 -13.20 -22.27 -6.03
N THR D 187 -13.09 -22.38 -7.35
CA THR D 187 -12.13 -21.51 -8.01
C THR D 187 -12.37 -19.99 -7.84
N ALA D 188 -13.56 -19.58 -7.37
CA ALA D 188 -13.74 -18.17 -7.14
C ALA D 188 -12.90 -17.69 -5.93
N GLU D 189 -12.37 -18.60 -5.13
CA GLU D 189 -11.55 -18.25 -3.97
C GLU D 189 -10.04 -18.44 -4.38
N TYR D 190 -9.35 -17.30 -4.36
CA TYR D 190 -7.94 -17.29 -4.86
C TYR D 190 -7.22 -16.19 -4.29
N TYR D 191 -5.89 -16.31 -4.36
CA TYR D 191 -4.91 -15.29 -4.10
C TYR D 191 -4.41 -14.67 -5.42
N ARG D 192 -4.22 -13.37 -5.43
CA ARG D 192 -3.76 -12.65 -6.60
C ARG D 192 -2.68 -11.68 -6.25
N TYR D 193 -1.63 -11.69 -7.08
CA TYR D 193 -0.51 -10.76 -6.82
C TYR D 193 0.31 -10.59 -8.09
N ARG D 194 1.10 -9.54 -8.07
CA ARG D 194 2.00 -9.22 -9.25
C ARG D 194 3.34 -9.78 -9.00
N GLY D 195 3.79 -10.60 -9.96
CA GLY D 195 5.12 -11.20 -9.81
C GLY D 195 5.76 -11.49 -11.13
N SER D 196 6.45 -12.62 -11.14
CA SER D 196 7.39 -12.86 -12.23
C SER D 196 7.30 -14.31 -12.70
N LEU D 197 8.01 -14.62 -13.77
CA LEU D 197 8.26 -16.01 -14.03
C LEU D 197 9.11 -16.58 -12.91
N THR D 198 8.83 -17.83 -12.49
CA THR D 198 9.69 -18.45 -11.48
C THR D 198 10.88 -19.14 -12.03
N THR D 199 11.05 -19.06 -13.32
CA THR D 199 12.24 -19.63 -13.96
C THR D 199 12.93 -18.51 -14.73
N PRO D 200 14.23 -18.64 -15.06
CA PRO D 200 14.80 -17.72 -16.00
C PRO D 200 13.92 -17.58 -17.22
N PRO D 201 13.84 -16.40 -17.80
CA PRO D 201 14.58 -15.18 -17.38
C PRO D 201 13.96 -14.37 -16.27
N CYS D 202 12.93 -14.90 -15.57
CA CYS D 202 12.42 -14.25 -14.32
C CYS D 202 11.74 -12.86 -14.55
N ASN D 203 11.22 -12.67 -15.75
CA ASN D 203 10.70 -11.33 -16.10
C ASN D 203 9.58 -11.03 -15.13
N PRO D 204 9.48 -9.82 -14.63
CA PRO D 204 8.38 -9.44 -13.65
C PRO D 204 7.08 -9.03 -14.42
N THR D 205 6.55 -9.94 -15.19
CA THR D 205 5.51 -9.69 -16.13
C THR D 205 4.29 -10.58 -15.94
N VAL D 206 4.20 -11.20 -14.75
CA VAL D 206 3.17 -12.22 -14.49
C VAL D 206 2.16 -11.77 -13.43
N LEU D 207 0.91 -11.83 -13.83
CA LEU D 207 -0.26 -11.66 -12.90
C LEU D 207 -0.57 -13.10 -12.41
N TRP D 208 -0.27 -13.31 -11.14
CA TRP D 208 -0.49 -14.61 -10.51
C TRP D 208 -1.84 -14.79 -9.88
N THR D 209 -2.49 -15.91 -10.16
CA THR D 209 -3.70 -16.33 -9.47
C THR D 209 -3.39 -17.70 -8.91
N VAL D 210 -3.35 -17.82 -7.59
CA VAL D 210 -3.12 -19.11 -6.88
C VAL D 210 -4.41 -19.53 -6.24
N PHE D 211 -5.04 -20.63 -6.67
CA PHE D 211 -6.34 -20.99 -6.04
C PHE D 211 -6.11 -21.32 -4.57
N ARG D 212 -7.17 -20.99 -3.79
CA ARG D 212 -7.07 -21.24 -2.34
C ARG D 212 -7.04 -22.73 -1.99
N ASN D 213 -7.77 -23.51 -2.75
CA ASN D 213 -7.87 -24.92 -2.44
C ASN D 213 -6.90 -25.74 -3.30
N PRO D 214 -6.24 -26.74 -2.71
CA PRO D 214 -5.46 -27.67 -3.47
C PRO D 214 -6.23 -28.73 -4.15
N VAL D 215 -5.62 -29.42 -5.09
CA VAL D 215 -6.10 -30.69 -5.56
C VAL D 215 -5.27 -31.78 -4.97
N GLN D 216 -5.65 -33.02 -5.14
CA GLN D 216 -4.88 -34.18 -4.70
C GLN D 216 -4.45 -35.04 -5.86
N ILE D 217 -3.25 -35.57 -5.81
CA ILE D 217 -2.80 -36.69 -6.65
C ILE D 217 -2.21 -37.74 -5.70
N SER D 218 -2.14 -38.99 -6.15
CA SER D 218 -1.59 -39.98 -5.16
C SER D 218 -0.13 -40.02 -4.98
N GLN D 219 0.30 -40.68 -3.90
N GLN D 219 0.33 -40.67 -3.91
CA GLN D 219 1.69 -41.03 -3.71
CA GLN D 219 1.74 -40.86 -3.81
C GLN D 219 2.30 -41.63 -4.98
C GLN D 219 2.32 -41.65 -4.99
N GLU D 220 1.59 -42.59 -5.56
CA GLU D 220 2.14 -43.31 -6.71
C GLU D 220 2.26 -42.38 -7.91
N GLN D 221 1.30 -41.44 -8.07
CA GLN D 221 1.49 -40.47 -9.18
C GLN D 221 2.61 -39.52 -8.91
N LEU D 222 2.80 -39.08 -7.65
CA LEU D 222 3.93 -38.19 -7.37
C LEU D 222 5.25 -38.96 -7.61
N LEU D 223 5.32 -40.20 -7.22
CA LEU D 223 6.57 -40.96 -7.33
C LEU D 223 6.87 -41.10 -8.81
N ALA D 224 5.86 -41.38 -9.63
CA ALA D 224 6.09 -41.47 -11.08
C ALA D 224 6.61 -40.13 -11.63
N LEU D 225 5.97 -39.01 -11.26
CA LEU D 225 6.43 -37.69 -11.65
C LEU D 225 7.89 -37.45 -11.25
N GLU D 226 8.21 -37.82 -10.03
CA GLU D 226 9.50 -37.53 -9.44
C GLU D 226 10.62 -38.39 -9.94
N THR D 227 10.34 -39.48 -10.60
CA THR D 227 11.35 -40.47 -11.05
C THR D 227 11.37 -40.66 -12.53
N ALA D 228 10.42 -40.15 -13.27
CA ALA D 228 10.33 -40.48 -14.71
C ALA D 228 11.35 -39.73 -15.53
N LEU D 229 11.71 -38.53 -15.16
CA LEU D 229 12.30 -37.60 -16.11
C LEU D 229 13.72 -37.18 -15.78
N TYR D 230 14.46 -36.85 -16.86
CA TYR D 230 15.80 -36.29 -16.78
C TYR D 230 15.83 -34.91 -17.39
N CYS D 231 16.70 -34.06 -16.86
CA CYS D 231 16.90 -32.76 -17.42
C CYS D 231 17.76 -32.76 -18.68
N THR D 232 18.47 -33.85 -18.85
CA THR D 232 19.51 -33.96 -19.88
C THR D 232 18.98 -34.68 -21.08
N HIS D 233 19.69 -34.47 -22.22
CA HIS D 233 19.43 -35.25 -23.40
C HIS D 233 19.82 -36.70 -23.19
N MET D 234 19.19 -37.54 -23.97
CA MET D 234 19.33 -38.99 -23.88
C MET D 234 20.83 -39.41 -23.93
N ASP D 235 21.61 -38.71 -24.75
CA ASP D 235 23.01 -39.09 -24.95
C ASP D 235 24.04 -38.40 -24.04
N ASP D 236 23.58 -37.60 -23.08
CA ASP D 236 24.49 -36.92 -22.19
C ASP D 236 25.23 -37.87 -21.26
N PRO D 237 26.57 -37.80 -21.23
CA PRO D 237 27.32 -38.68 -20.34
C PRO D 237 27.22 -38.32 -18.89
N SER D 238 26.59 -37.18 -18.54
N SER D 238 26.57 -37.19 -18.55
CA SER D 238 26.41 -36.83 -17.17
CA SER D 238 26.42 -36.73 -17.17
C SER D 238 24.91 -36.58 -16.95
C SER D 238 24.90 -36.55 -16.93
N PRO D 239 24.14 -37.67 -16.85
CA PRO D 239 22.64 -37.52 -16.68
C PRO D 239 22.28 -36.79 -15.41
N ARG D 240 21.21 -35.99 -15.49
CA ARG D 240 20.76 -35.36 -14.25
C ARG D 240 19.25 -35.60 -14.15
N GLU D 241 18.80 -36.15 -13.03
CA GLU D 241 17.36 -36.36 -12.81
C GLU D 241 16.62 -35.06 -12.63
N MET D 242 15.39 -35.01 -13.21
CA MET D 242 14.57 -33.80 -13.07
C MET D 242 13.75 -33.90 -11.75
N ILE D 243 14.35 -33.39 -10.69
CA ILE D 243 13.81 -33.43 -9.36
C ILE D 243 14.04 -32.02 -8.75
N ASN D 244 13.20 -31.75 -7.77
CA ASN D 244 13.37 -30.50 -7.00
C ASN D 244 13.42 -29.27 -7.89
N ASN D 245 12.52 -29.25 -8.86
CA ASN D 245 12.53 -28.19 -9.86
C ASN D 245 11.58 -27.05 -9.46
N PHE D 246 11.78 -26.55 -8.25
CA PHE D 246 11.01 -25.39 -7.73
C PHE D 246 12.01 -24.41 -7.23
N ARG D 247 11.62 -23.15 -7.34
CA ARG D 247 12.41 -22.05 -6.79
C ARG D 247 12.04 -21.78 -5.34
N GLN D 248 12.99 -21.39 -4.53
CA GLN D 248 12.62 -20.88 -3.19
C GLN D 248 11.75 -19.67 -3.24
N VAL D 249 11.01 -19.45 -2.14
CA VAL D 249 10.19 -18.25 -2.07
C VAL D 249 11.09 -16.97 -1.96
N GLN D 250 10.51 -15.88 -2.40
CA GLN D 250 11.21 -14.58 -2.58
C GLN D 250 10.75 -13.48 -1.63
N LYS D 251 11.60 -12.51 -1.48
CA LYS D 251 11.21 -11.33 -0.67
C LYS D 251 9.96 -10.71 -1.27
N PHE D 252 9.10 -10.24 -0.37
CA PHE D 252 7.93 -9.51 -0.83
C PHE D 252 8.12 -8.17 -1.56
N ASP D 253 9.19 -7.40 -1.28
CA ASP D 253 9.40 -6.13 -2.00
C ASP D 253 8.18 -5.19 -1.81
N GLU D 254 7.57 -5.23 -0.60
CA GLU D 254 6.43 -4.31 -0.21
C GLU D 254 5.06 -4.71 -0.84
N ARG D 255 4.99 -5.83 -1.58
CA ARG D 255 3.75 -6.28 -2.16
C ARG D 255 2.82 -6.90 -1.10
N LEU D 256 1.50 -6.64 -1.29
CA LEU D 256 0.49 -7.47 -0.63
C LEU D 256 -0.01 -8.52 -1.60
N VAL D 257 -0.65 -9.52 -1.05
CA VAL D 257 -1.35 -10.55 -1.83
C VAL D 257 -2.80 -10.35 -1.56
N TYR D 258 -3.54 -10.10 -2.58
CA TYR D 258 -5.05 -9.80 -2.54
C TYR D 258 -5.81 -11.03 -2.58
N THR D 259 -6.89 -11.17 -1.79
CA THR D 259 -7.59 -12.40 -1.78
C THR D 259 -9.06 -12.14 -2.17
N SER D 260 -9.71 -13.11 -2.77
CA SER D 260 -11.16 -12.98 -3.14
C SER D 260 -12.02 -13.53 -1.99
N PHE D 261 -11.43 -13.87 -0.86
CA PHE D 261 -12.13 -14.47 0.30
C PHE D 261 -11.55 -13.81 1.52
N SER D 262 -12.35 -13.86 2.60
CA SER D 262 -11.89 -13.52 3.95
C SER D 262 -11.66 -14.73 4.87
N GLN D 263 -12.73 -15.52 4.82
CA GLN D 263 -12.96 -16.93 5.16
C GLN D 263 -12.32 -17.62 6.41
#